data_3F8W
#
_entry.id   3F8W
#
_cell.length_a   49.715
_cell.length_b   121.273
_cell.length_c   133.248
_cell.angle_alpha   90.000
_cell.angle_beta   90.000
_cell.angle_gamma   90.000
#
_symmetry.space_group_name_H-M   'P 21 21 21'
#
loop_
_entity.id
_entity.type
_entity.pdbx_description
1 polymer 'Purine-nucleoside phosphorylase'
2 non-polymer ADENOSINE
3 non-polymer 'SULFATE ION'
4 non-polymer 'DIMETHYL SULFOXIDE'
5 water water
#
_entity_poly.entity_id   1
_entity_poly.type   'polypeptide(L)'
_entity_poly.pdbx_seq_one_letter_code
;MHESVTANIENVKKVAHHIQKLTSIVPEIGIICGSGLGKLADGVKDKITIPYTKIPNFPQTSVVGHSGNLIFGTLSGRKV
VVMQGRFHMYEGYSNDTVALPIRVMKLLGVKILMVSNAAGGLNRSLKLGDFVILKDHIYLPGLGLNNILVGPNQEAFGTR
FPALSNAYDRDLRKLAVQVAEENGFGNLVHQGVYVMNGGPCYETPAECTMLLNMGCDVVGMSTIPEVVIARHCGIQVFAV
SLVTNISVLDVESDLKPNHEEVLATGAQRAELMQSWFEKIIEKLPKD
;
_entity_poly.pdbx_strand_id   A,B,C
#
loop_
_chem_comp.id
_chem_comp.type
_chem_comp.name
_chem_comp.formula
ADN non-polymer ADENOSINE 'C10 H13 N5 O4'
DMS non-polymer 'DIMETHYL SULFOXIDE' 'C2 H6 O S'
SO4 non-polymer 'SULFATE ION' 'O4 S -2'
#
# COMPACT_ATOMS: atom_id res chain seq x y z
N SER A 4 13.88 2.98 -17.00
CA SER A 4 13.71 4.36 -17.45
C SER A 4 14.75 5.29 -16.85
N VAL A 5 14.70 6.56 -17.25
CA VAL A 5 15.73 7.54 -16.90
C VAL A 5 15.39 8.34 -15.64
N THR A 6 16.34 8.37 -14.70
CA THR A 6 16.22 9.12 -13.45
C THR A 6 15.83 10.58 -13.71
N ALA A 7 14.83 11.06 -12.99
CA ALA A 7 14.39 12.44 -13.13
C ALA A 7 15.31 13.32 -12.28
N ASN A 8 16.62 13.23 -12.58
CA ASN A 8 17.62 14.09 -11.96
C ASN A 8 17.83 15.38 -12.76
N ILE A 9 18.60 16.31 -12.20
CA ILE A 9 18.73 17.60 -12.84
C ILE A 9 19.41 17.46 -14.20
N GLU A 10 20.33 16.51 -14.34
CA GLU A 10 20.96 16.33 -15.65
C GLU A 10 20.01 15.90 -16.74
N ASN A 11 19.15 14.93 -16.45
CA ASN A 11 18.31 14.36 -17.49
C ASN A 11 17.19 15.32 -17.76
N VAL A 12 16.72 15.98 -16.71
CA VAL A 12 15.60 16.90 -16.86
C VAL A 12 16.09 18.09 -17.70
N LYS A 13 17.30 18.55 -17.44
CA LYS A 13 17.90 19.58 -18.26
C LYS A 13 18.03 19.23 -19.73
N LYS A 14 18.48 18.01 -20.04
CA LYS A 14 18.48 17.53 -21.43
C LYS A 14 17.11 17.70 -22.10
N VAL A 15 16.07 17.04 -21.57
CA VAL A 15 14.74 17.10 -22.14
C VAL A 15 14.27 18.55 -22.31
N ALA A 16 14.55 19.38 -21.33
CA ALA A 16 14.07 20.76 -21.36
C ALA A 16 14.81 21.57 -22.42
N HIS A 17 16.09 21.27 -22.61
CA HIS A 17 16.84 22.00 -23.64
C HIS A 17 16.45 21.59 -25.02
N HIS A 18 16.10 20.32 -25.22
CA HIS A 18 15.62 19.87 -26.52
CA HIS A 18 15.63 19.87 -26.53
C HIS A 18 14.32 20.58 -26.86
N ILE A 19 13.39 20.58 -25.91
CA ILE A 19 12.09 21.21 -26.14
C ILE A 19 12.29 22.66 -26.50
N GLN A 20 13.28 23.26 -25.87
CA GLN A 20 13.51 24.69 -26.03
C GLN A 20 14.04 25.03 -27.41
N LYS A 21 14.44 24.01 -28.16
CA LYS A 21 14.86 24.14 -29.55
C LYS A 21 13.66 24.04 -30.48
N LEU A 22 12.65 23.28 -30.10
CA LEU A 22 11.46 23.10 -30.92
C LEU A 22 10.44 24.21 -30.72
N THR A 23 10.66 25.09 -29.74
CA THR A 23 9.73 26.18 -29.47
C THR A 23 10.35 27.30 -28.66
N SER A 24 9.81 28.49 -28.87
CA SER A 24 10.28 29.69 -28.21
C SER A 24 9.36 30.13 -27.06
N ILE A 25 8.24 29.41 -26.89
CA ILE A 25 7.29 29.76 -25.84
C ILE A 25 7.92 29.43 -24.50
N VAL A 26 7.95 30.40 -23.60
CA VAL A 26 8.35 30.17 -22.23
C VAL A 26 7.08 30.16 -21.40
N PRO A 27 6.63 28.96 -20.99
CA PRO A 27 5.34 28.76 -20.29
C PRO A 27 5.34 29.27 -18.87
N GLU A 28 4.31 30.00 -18.48
CA GLU A 28 4.19 30.30 -17.05
C GLU A 28 3.20 29.32 -16.41
N ILE A 29 2.32 28.74 -17.23
CA ILE A 29 1.25 27.93 -16.72
C ILE A 29 1.27 26.59 -17.42
N GLY A 30 1.18 25.54 -16.63
CA GLY A 30 1.12 24.19 -17.13
C GLY A 30 -0.27 23.62 -16.94
N ILE A 31 -0.74 22.87 -17.93
CA ILE A 31 -2.07 22.28 -17.85
C ILE A 31 -1.99 20.79 -18.17
N ILE A 32 -2.69 19.97 -17.39
CA ILE A 32 -2.77 18.52 -17.66
C ILE A 32 -4.23 18.13 -17.78
N CYS A 33 -4.62 17.55 -18.92
CA CYS A 33 -6.00 17.11 -19.15
C CYS A 33 -6.26 15.67 -18.74
N GLY A 34 -7.33 15.44 -17.97
CA GLY A 34 -7.70 14.10 -17.53
C GLY A 34 -8.53 13.35 -18.56
N SER A 35 -9.06 12.20 -18.16
CA SER A 35 -9.83 11.34 -19.07
C SER A 35 -11.03 12.05 -19.70
N GLY A 36 -11.05 12.10 -21.04
CA GLY A 36 -12.11 12.74 -21.78
C GLY A 36 -12.04 14.25 -21.82
N LEU A 37 -10.99 14.86 -21.31
CA LEU A 37 -10.95 16.32 -21.13
C LEU A 37 -9.95 17.04 -22.03
N GLY A 38 -9.55 16.37 -23.10
CA GLY A 38 -8.52 16.90 -23.98
C GLY A 38 -8.87 18.20 -24.66
N LYS A 39 -10.15 18.55 -24.68
CA LYS A 39 -10.60 19.81 -25.29
C LYS A 39 -10.15 21.09 -24.56
N LEU A 40 -9.74 21.01 -23.29
CA LEU A 40 -9.27 22.23 -22.61
C LEU A 40 -8.03 22.85 -23.28
N ALA A 41 -7.60 22.21 -24.38
CA ALA A 41 -6.37 22.55 -25.09
C ALA A 41 -6.66 23.14 -26.46
N ASP A 42 -7.93 23.29 -26.80
CA ASP A 42 -8.27 23.61 -28.17
C ASP A 42 -8.42 25.10 -28.44
N GLY A 43 -8.50 25.88 -27.36
CA GLY A 43 -8.51 27.32 -27.45
C GLY A 43 -7.13 27.94 -27.42
N VAL A 44 -6.11 27.10 -27.33
CA VAL A 44 -4.73 27.59 -27.29
C VAL A 44 -4.38 28.25 -28.61
N LYS A 45 -4.06 29.54 -28.55
CA LYS A 45 -3.71 30.29 -29.76
C LYS A 45 -2.20 30.24 -30.05
N ASP A 46 -1.85 30.41 -31.33
CA ASP A 46 -0.46 30.40 -31.76
C ASP A 46 0.21 29.15 -31.27
N LYS A 47 -0.48 28.02 -31.42
CA LYS A 47 -0.04 26.79 -30.82
C LYS A 47 1.04 26.04 -31.60
N ILE A 48 1.90 25.34 -30.86
CA ILE A 48 2.87 24.40 -31.40
C ILE A 48 2.58 23.05 -30.76
N THR A 49 2.19 22.07 -31.58
CA THR A 49 1.93 20.73 -31.08
C THR A 49 3.18 19.87 -31.27
N ILE A 50 3.75 19.41 -30.15
CA ILE A 50 4.89 18.48 -30.18
C ILE A 50 4.49 17.11 -29.61
N PRO A 51 4.42 16.08 -30.48
CA PRO A 51 4.05 14.74 -30.01
C PRO A 51 5.14 14.18 -29.10
N TYR A 52 4.75 13.39 -28.09
CA TYR A 52 5.74 12.85 -27.15
C TYR A 52 6.83 12.04 -27.86
N THR A 53 6.50 11.49 -29.03
CA THR A 53 7.44 10.68 -29.82
C THR A 53 8.63 11.50 -30.33
N LYS A 54 8.42 12.80 -30.51
CA LYS A 54 9.45 13.68 -31.02
C LYS A 54 10.22 14.33 -29.88
N ILE A 55 9.99 13.83 -28.66
CA ILE A 55 10.86 14.16 -27.53
C ILE A 55 11.59 12.98 -26.91
N PRO A 56 12.94 13.07 -26.91
CA PRO A 56 13.85 12.11 -26.30
C PRO A 56 13.61 11.98 -24.80
N ASN A 57 13.35 10.77 -24.32
CA ASN A 57 13.23 10.50 -22.90
C ASN A 57 11.88 10.81 -22.27
N PHE A 58 11.02 11.50 -23.01
CA PHE A 58 9.63 11.53 -22.63
C PHE A 58 9.16 10.11 -22.84
N PRO A 59 7.97 9.76 -22.32
CA PRO A 59 7.33 8.45 -22.51
C PRO A 59 6.61 8.27 -23.85
N GLN A 60 5.85 7.18 -23.93
CA GLN A 60 4.66 7.02 -24.75
C GLN A 60 3.43 6.95 -23.85
N THR A 61 2.30 7.46 -24.34
CA THR A 61 1.01 7.16 -23.74
C THR A 61 0.19 6.46 -24.84
N SER A 62 0.81 5.50 -25.52
CA SER A 62 0.25 4.99 -26.77
C SER A 62 -1.16 4.39 -26.66
N HIS A 66 -0.03 5.55 -31.11
CA HIS A 66 -1.05 6.47 -30.61
C HIS A 66 -0.48 7.37 -29.47
N SER A 67 0.29 8.39 -29.85
CA SER A 67 0.88 9.30 -28.89
C SER A 67 0.00 10.53 -28.66
N GLY A 68 0.17 11.18 -27.51
CA GLY A 68 -0.60 12.36 -27.18
C GLY A 68 0.02 13.63 -27.74
N ASN A 69 0.43 14.52 -26.86
CA ASN A 69 1.04 15.79 -27.27
C ASN A 69 1.34 16.78 -26.17
N LEU A 70 2.46 17.46 -26.35
CA LEU A 70 2.83 18.63 -25.58
C LEU A 70 2.50 19.84 -26.44
N ILE A 71 1.62 20.70 -25.96
CA ILE A 71 1.10 21.80 -26.75
C ILE A 71 1.51 23.14 -26.14
N PHE A 72 2.25 23.94 -26.90
CA PHE A 72 2.63 25.28 -26.44
C PHE A 72 1.87 26.40 -27.16
N GLY A 73 1.55 27.47 -26.44
CA GLY A 73 0.81 28.55 -27.04
C GLY A 73 0.42 29.57 -26.00
N THR A 74 -0.62 30.34 -26.27
CA THR A 74 -1.09 31.34 -25.34
C THR A 74 -2.56 31.07 -25.07
N LEU A 75 -3.03 31.45 -23.90
CA LEU A 75 -4.42 31.25 -23.55
C LEU A 75 -4.80 32.43 -22.69
N SER A 76 -5.84 33.16 -23.11
CA SER A 76 -6.26 34.35 -22.38
C SER A 76 -5.08 35.26 -22.10
N GLY A 77 -4.19 35.42 -23.09
CA GLY A 77 -3.06 36.32 -22.96
C GLY A 77 -1.79 35.72 -22.36
N ARG A 78 -1.90 34.54 -21.71
CA ARG A 78 -0.75 33.97 -21.00
C ARG A 78 -0.10 32.81 -21.76
N LYS A 79 1.18 32.59 -21.52
CA LYS A 79 1.88 31.47 -22.13
C LYS A 79 1.70 30.18 -21.33
N VAL A 80 1.19 29.13 -22.00
CA VAL A 80 0.87 27.87 -21.35
C VAL A 80 1.56 26.73 -22.06
N VAL A 81 1.79 25.66 -21.34
CA VAL A 81 2.13 24.40 -21.95
C VAL A 81 1.08 23.39 -21.48
N VAL A 82 0.58 22.58 -22.41
CA VAL A 82 -0.51 21.66 -22.13
C VAL A 82 -0.03 20.24 -22.36
N MET A 83 -0.17 19.39 -21.35
CA MET A 83 0.01 17.96 -21.54
C MET A 83 -1.29 17.35 -21.97
N GLN A 84 -1.36 16.95 -23.22
CA GLN A 84 -2.56 16.29 -23.70
C GLN A 84 -2.26 14.83 -23.54
N GLY A 85 -2.84 14.23 -22.50
CA GLY A 85 -2.54 12.85 -22.15
C GLY A 85 -1.48 12.72 -21.07
N ARG A 86 -1.88 12.10 -19.95
CA ARG A 86 -0.96 11.91 -18.84
C ARG A 86 -0.46 10.48 -18.69
N PHE A 87 0.38 10.26 -17.68
CA PHE A 87 0.99 8.97 -17.44
C PHE A 87 0.51 8.41 -16.11
N HIS A 88 -0.02 7.18 -16.14
CA HIS A 88 -0.72 6.66 -14.98
C HIS A 88 0.05 5.52 -14.33
N MET A 89 0.05 5.51 -13.02
CA MET A 89 0.78 4.49 -12.33
C MET A 89 0.20 3.10 -12.64
N TYR A 90 -1.14 3.02 -12.82
CA TYR A 90 -1.75 1.70 -13.10
C TYR A 90 -1.27 1.11 -14.42
N GLU A 91 -0.65 1.96 -15.26
CA GLU A 91 -0.07 1.48 -16.53
C GLU A 91 1.31 0.85 -16.37
N GLY A 92 1.88 0.94 -15.18
CA GLY A 92 3.20 0.36 -14.96
C GLY A 92 4.39 1.32 -15.07
N TYR A 93 4.15 2.63 -15.29
CA TYR A 93 5.24 3.61 -15.33
C TYR A 93 5.97 3.72 -13.98
N SER A 94 7.27 3.98 -14.04
CA SER A 94 8.06 4.21 -12.83
C SER A 94 7.79 5.60 -12.25
N ASN A 95 8.17 5.78 -10.99
CA ASN A 95 8.12 7.09 -10.35
C ASN A 95 8.86 8.14 -11.18
N ASP A 96 10.06 7.79 -11.65
CA ASP A 96 10.88 8.73 -12.41
C ASP A 96 10.19 9.17 -13.70
N THR A 97 9.45 8.26 -14.32
CA THR A 97 8.77 8.58 -15.55
C THR A 97 7.63 9.54 -15.31
N VAL A 98 6.83 9.31 -14.27
CA VAL A 98 5.75 10.25 -13.98
C VAL A 98 6.33 11.62 -13.50
N ALA A 99 7.45 11.61 -12.79
CA ALA A 99 7.99 12.85 -12.24
C ALA A 99 8.61 13.73 -13.31
N LEU A 100 9.32 13.12 -14.26
CA LEU A 100 10.06 13.88 -15.28
C LEU A 100 9.29 15.05 -15.97
N PRO A 101 8.13 14.78 -16.57
CA PRO A 101 7.40 15.88 -17.26
C PRO A 101 7.16 17.12 -16.37
N ILE A 102 6.84 16.91 -15.09
CA ILE A 102 6.54 17.98 -14.19
C ILE A 102 7.81 18.76 -13.83
N ARG A 103 8.92 18.04 -13.66
CA ARG A 103 10.20 18.70 -13.42
C ARG A 103 10.73 19.46 -14.68
N VAL A 104 10.44 18.93 -15.87
CA VAL A 104 10.69 19.62 -17.14
C VAL A 104 9.94 20.96 -17.22
N MET A 105 8.63 20.92 -16.97
CA MET A 105 7.82 22.14 -16.84
C MET A 105 8.52 23.16 -15.93
N LYS A 106 8.99 22.69 -14.78
CA LYS A 106 9.66 23.56 -13.84
C LYS A 106 10.86 24.27 -14.49
N LEU A 107 11.72 23.53 -15.19
CA LEU A 107 12.82 24.16 -15.93
C LEU A 107 12.39 25.03 -17.15
N LEU A 108 11.23 24.76 -17.73
CA LEU A 108 10.69 25.58 -18.81
C LEU A 108 10.17 26.94 -18.31
N GLY A 109 9.95 27.04 -17.00
CA GLY A 109 9.45 28.29 -16.43
C GLY A 109 8.06 28.22 -15.79
N VAL A 110 7.44 27.04 -15.75
CA VAL A 110 6.08 26.92 -15.20
C VAL A 110 6.04 27.35 -13.73
N LYS A 111 5.09 28.22 -13.40
CA LYS A 111 4.88 28.66 -12.03
C LYS A 111 3.59 28.09 -11.47
N ILE A 112 2.63 27.81 -12.35
CA ILE A 112 1.32 27.34 -11.89
C ILE A 112 0.92 26.13 -12.71
N LEU A 113 0.46 25.10 -12.01
CA LEU A 113 -0.01 23.89 -12.64
C LEU A 113 -1.51 23.67 -12.39
N MET A 114 -2.26 23.54 -13.47
CA MET A 114 -3.71 23.33 -13.40
C MET A 114 -3.98 21.95 -13.91
N VAL A 115 -4.66 21.13 -13.10
CA VAL A 115 -4.88 19.77 -13.52
C VAL A 115 -6.34 19.33 -13.42
N SER A 116 -6.76 18.48 -14.32
CA SER A 116 -8.12 18.03 -14.27
C SER A 116 -8.06 16.54 -14.33
N ASN A 117 -9.11 15.87 -13.86
CA ASN A 117 -9.17 14.41 -13.88
C ASN A 117 -10.61 13.95 -13.75
N ALA A 118 -10.86 12.69 -14.06
CA ALA A 118 -12.20 12.16 -13.91
C ALA A 118 -12.23 11.37 -12.62
N ALA A 119 -13.28 11.52 -11.82
CA ALA A 119 -13.31 10.78 -10.57
C ALA A 119 -14.68 10.21 -10.28
N GLY A 120 -14.75 9.27 -9.35
CA GLY A 120 -16.03 8.77 -8.84
C GLY A 120 -16.47 9.64 -7.67
N GLY A 121 -17.76 9.96 -7.61
CA GLY A 121 -18.29 10.76 -6.51
C GLY A 121 -18.60 9.87 -5.32
N LEU A 122 -17.93 10.12 -4.20
CA LEU A 122 -18.22 9.36 -2.97
C LEU A 122 -19.24 10.09 -2.13
N ASN A 123 -18.96 11.37 -1.90
CA ASN A 123 -19.88 12.30 -1.22
C ASN A 123 -21.27 12.24 -1.80
N ARG A 124 -22.27 12.02 -0.94
CA ARG A 124 -23.62 11.65 -1.36
C ARG A 124 -24.39 12.87 -1.88
N SER A 125 -23.82 14.04 -1.69
CA SER A 125 -24.49 15.21 -2.19
C SER A 125 -23.98 15.60 -3.59
N LEU A 126 -23.06 14.81 -4.16
CA LEU A 126 -22.55 15.12 -5.50
C LEU A 126 -23.48 14.62 -6.62
N LYS A 127 -23.50 15.36 -7.72
CA LYS A 127 -24.27 14.93 -8.90
C LYS A 127 -23.33 14.64 -10.04
N LEU A 128 -23.81 13.82 -10.98
CA LEU A 128 -23.05 13.49 -12.18
C LEU A 128 -22.75 14.78 -12.93
N GLY A 129 -21.50 14.99 -13.31
CA GLY A 129 -21.09 16.19 -14.02
C GLY A 129 -20.71 17.36 -13.15
N ASP A 130 -20.76 17.20 -11.83
CA ASP A 130 -20.31 18.24 -10.93
C ASP A 130 -18.80 18.37 -11.05
N PHE A 131 -18.28 19.55 -10.74
CA PHE A 131 -16.85 19.79 -10.58
C PHE A 131 -16.48 19.86 -9.11
N VAL A 132 -15.46 19.12 -8.70
CA VAL A 132 -14.98 19.17 -7.35
C VAL A 132 -13.56 19.70 -7.38
N ILE A 133 -13.35 20.93 -6.95
CA ILE A 133 -12.01 21.46 -6.75
C ILE A 133 -11.33 20.67 -5.58
N LEU A 134 -10.10 20.19 -5.78
CA LEU A 134 -9.39 19.54 -4.68
C LEU A 134 -8.90 20.58 -3.68
N LYS A 135 -9.26 20.41 -2.41
CA LYS A 135 -8.65 21.26 -1.37
C LYS A 135 -7.68 20.44 -0.52
N ASP A 136 -7.68 19.14 -0.71
CA ASP A 136 -6.78 18.24 0.01
C ASP A 136 -6.83 16.84 -0.65
N HIS A 137 -5.89 15.98 -0.28
CA HIS A 137 -5.88 14.64 -0.89
C HIS A 137 -5.25 13.54 -0.04
N ILE A 138 -5.87 12.37 -0.07
CA ILE A 138 -5.37 11.19 0.62
C ILE A 138 -4.58 10.39 -0.40
N TYR A 139 -3.31 10.13 -0.10
CA TYR A 139 -2.45 9.43 -1.04
C TYR A 139 -2.24 7.95 -0.58
N LEU A 140 -3.21 7.09 -0.81
CA LEU A 140 -3.13 5.75 -0.28
C LEU A 140 -1.83 5.03 -0.68
N PRO A 141 -1.49 5.06 -1.97
CA PRO A 141 -0.18 4.46 -2.33
C PRO A 141 1.02 5.10 -1.58
N GLY A 142 0.93 6.41 -1.37
CA GLY A 142 2.03 7.11 -0.71
C GLY A 142 2.17 6.65 0.73
N LEU A 143 1.07 6.50 1.43
CA LEU A 143 1.09 6.00 2.79
C LEU A 143 1.68 4.59 2.85
N GLY A 144 1.48 3.85 1.75
CA GLY A 144 1.81 2.43 1.70
C GLY A 144 3.17 2.11 1.10
N LEU A 145 4.05 3.11 1.05
CA LEU A 145 5.44 2.94 0.53
C LEU A 145 5.55 2.98 -0.99
N ASN A 146 4.50 3.45 -1.67
CA ASN A 146 4.59 3.77 -3.13
C ASN A 146 4.44 5.25 -3.43
N ASN A 147 4.99 6.07 -2.55
CA ASN A 147 5.04 7.54 -2.79
C ASN A 147 5.97 7.74 -3.97
N ILE A 148 5.55 8.56 -4.93
CA ILE A 148 6.45 8.95 -6.03
C ILE A 148 7.85 9.46 -5.61
N LEU A 149 8.00 10.07 -4.44
CA LEU A 149 9.34 10.58 -4.03
C LEU A 149 10.26 9.54 -3.37
N VAL A 150 9.79 8.30 -3.14
CA VAL A 150 10.63 7.25 -2.56
C VAL A 150 11.92 7.08 -3.37
N GLY A 151 13.05 6.97 -2.66
CA GLY A 151 14.35 6.97 -3.33
C GLY A 151 15.16 8.20 -2.95
N PRO A 152 16.42 8.26 -3.44
CA PRO A 152 17.30 9.43 -3.24
C PRO A 152 16.57 10.73 -3.59
N ASN A 153 16.62 11.70 -2.70
CA ASN A 153 16.00 12.96 -3.01
C ASN A 153 16.87 13.70 -4.03
N GLN A 154 16.25 14.23 -5.08
CA GLN A 154 16.95 15.08 -6.04
C GLN A 154 16.96 16.53 -5.51
N GLU A 155 18.04 16.86 -4.80
CA GLU A 155 18.18 18.14 -4.11
C GLU A 155 17.99 19.36 -5.01
N ALA A 156 18.31 19.22 -6.29
CA ALA A 156 18.21 20.35 -7.22
C ALA A 156 16.78 20.79 -7.36
N PHE A 157 15.84 19.91 -7.03
CA PHE A 157 14.41 20.21 -7.18
C PHE A 157 13.70 20.53 -5.87
N GLY A 158 14.08 19.89 -4.76
CA GLY A 158 13.29 20.10 -3.57
C GLY A 158 13.88 19.44 -2.36
N THR A 159 13.21 19.61 -1.22
CA THR A 159 13.69 19.05 0.04
C THR A 159 13.43 17.55 0.17
N ARG A 160 14.02 16.94 1.21
CA ARG A 160 13.86 15.53 1.46
C ARG A 160 12.44 15.19 1.92
N PHE A 161 11.95 16.00 2.86
CA PHE A 161 10.64 15.83 3.47
C PHE A 161 9.72 17.03 3.20
N PRO A 162 9.04 17.03 2.05
CA PRO A 162 8.18 18.19 1.70
C PRO A 162 6.92 18.21 2.56
N ALA A 163 6.48 19.41 2.93
CA ALA A 163 5.20 19.55 3.61
C ALA A 163 4.13 19.75 2.54
N LEU A 164 2.94 19.26 2.79
CA LEU A 164 1.91 19.41 1.79
C LEU A 164 0.82 20.32 2.31
N SER A 165 1.22 21.30 3.12
CA SER A 165 0.28 22.32 3.58
C SER A 165 0.07 23.37 2.46
N ASN A 166 -1.19 23.71 2.27
CA ASN A 166 -1.62 24.57 1.20
C ASN A 166 -1.17 24.03 -0.17
N ALA A 167 -1.16 22.70 -0.30
CA ALA A 167 -0.80 22.05 -1.54
C ALA A 167 -1.76 22.49 -2.64
N TYR A 168 -3.04 22.59 -2.30
CA TYR A 168 -4.02 23.07 -3.24
C TYR A 168 -4.25 24.55 -2.96
N ASP A 169 -3.39 25.37 -3.55
CA ASP A 169 -3.27 26.78 -3.19
C ASP A 169 -4.65 27.43 -2.98
N ARG A 170 -4.86 27.95 -1.76
CA ARG A 170 -6.18 28.45 -1.40
C ARG A 170 -6.59 29.73 -2.15
N ASP A 171 -5.62 30.49 -2.63
CA ASP A 171 -6.00 31.69 -3.43
C ASP A 171 -6.48 31.31 -4.84
N LEU A 172 -5.87 30.28 -5.41
CA LEU A 172 -6.33 29.77 -6.71
C LEU A 172 -7.73 29.15 -6.56
N ARG A 173 -8.01 28.54 -5.41
CA ARG A 173 -9.29 27.87 -5.20
C ARG A 173 -10.37 28.94 -5.08
N LYS A 174 -10.06 30.00 -4.33
CA LYS A 174 -11.00 31.12 -4.17
C LYS A 174 -11.33 31.79 -5.53
N LEU A 175 -10.30 32.04 -6.34
CA LEU A 175 -10.47 32.59 -7.67
C LEU A 175 -11.34 31.68 -8.56
N ALA A 176 -11.03 30.39 -8.59
CA ALA A 176 -11.77 29.46 -9.40
C ALA A 176 -13.25 29.48 -9.01
N VAL A 177 -13.52 29.60 -7.71
CA VAL A 177 -14.91 29.66 -7.26
C VAL A 177 -15.62 30.95 -7.72
N GLN A 178 -14.91 32.06 -7.62
CA GLN A 178 -15.46 33.34 -7.96
C GLN A 178 -15.77 33.36 -9.47
N VAL A 179 -14.88 32.77 -10.26
CA VAL A 179 -15.08 32.74 -11.69
C VAL A 179 -16.29 31.90 -12.06
N ALA A 180 -16.42 30.72 -11.45
CA ALA A 180 -17.60 29.89 -11.69
C ALA A 180 -18.86 30.66 -11.34
N GLU A 181 -18.83 31.31 -10.19
CA GLU A 181 -19.96 32.09 -9.67
C GLU A 181 -20.44 33.17 -10.66
N GLU A 182 -19.50 34.00 -11.13
CA GLU A 182 -19.78 35.11 -12.03
C GLU A 182 -20.26 34.66 -13.39
N ASN A 183 -19.99 33.42 -13.77
CA ASN A 183 -20.33 32.94 -15.09
C ASN A 183 -21.50 31.99 -15.07
N GLY A 184 -22.21 32.00 -13.95
CA GLY A 184 -23.46 31.28 -13.82
C GLY A 184 -23.39 29.78 -13.56
N PHE A 185 -22.25 29.24 -13.17
CA PHE A 185 -22.29 27.80 -12.93
C PHE A 185 -21.69 27.45 -11.57
N GLY A 186 -21.88 28.37 -10.62
CA GLY A 186 -21.41 28.15 -9.26
C GLY A 186 -22.01 26.90 -8.63
N ASN A 187 -23.22 26.57 -9.09
CA ASN A 187 -23.96 25.44 -8.52
C ASN A 187 -23.35 24.09 -8.92
N LEU A 188 -22.42 24.07 -9.87
CA LEU A 188 -21.79 22.81 -10.26
C LEU A 188 -20.51 22.60 -9.47
N VAL A 189 -20.09 23.62 -8.75
CA VAL A 189 -18.76 23.61 -8.15
C VAL A 189 -18.77 23.31 -6.66
N HIS A 190 -18.04 22.26 -6.27
CA HIS A 190 -17.82 21.92 -4.86
C HIS A 190 -16.32 21.94 -4.59
N GLN A 191 -15.93 21.78 -3.32
CA GLN A 191 -14.55 21.60 -2.98
C GLN A 191 -14.49 20.37 -2.05
N GLY A 192 -13.49 19.52 -2.24
CA GLY A 192 -13.36 18.37 -1.38
C GLY A 192 -12.02 17.68 -1.44
N VAL A 193 -11.99 16.51 -0.81
CA VAL A 193 -10.84 15.67 -0.63
C VAL A 193 -10.85 14.56 -1.65
N TYR A 194 -9.72 14.39 -2.34
CA TYR A 194 -9.59 13.39 -3.38
C TYR A 194 -8.75 12.25 -2.81
N VAL A 195 -9.22 11.01 -2.92
CA VAL A 195 -8.39 9.89 -2.50
C VAL A 195 -7.92 9.09 -3.72
N MET A 196 -6.65 8.72 -3.77
CA MET A 196 -6.15 7.95 -4.89
C MET A 196 -6.20 6.44 -4.58
N ASN A 197 -6.83 5.69 -5.49
CA ASN A 197 -6.75 4.24 -5.58
C ASN A 197 -5.74 3.95 -6.69
N GLY A 198 -4.72 3.14 -6.39
CA GLY A 198 -3.73 2.80 -7.40
C GLY A 198 -4.36 2.28 -8.71
N GLY A 199 -5.48 1.59 -8.58
CA GLY A 199 -6.19 1.01 -9.73
C GLY A 199 -5.48 -0.22 -10.29
N PRO A 200 -5.96 -0.73 -11.43
CA PRO A 200 -6.98 -0.10 -12.28
C PRO A 200 -8.43 -0.57 -12.07
N CYS A 201 -8.72 -1.46 -11.13
CA CYS A 201 -10.09 -1.87 -10.85
C CYS A 201 -10.85 -0.71 -10.31
N TYR A 202 -12.11 -0.55 -10.70
CA TYR A 202 -12.90 0.48 -10.00
C TYR A 202 -13.02 0.02 -8.53
N GLU A 203 -13.47 0.89 -7.66
CA GLU A 203 -13.62 0.48 -6.26
C GLU A 203 -14.86 -0.38 -5.99
N THR A 204 -14.71 -1.40 -5.13
CA THR A 204 -15.86 -2.20 -4.70
C THR A 204 -16.76 -1.35 -3.79
N PRO A 205 -17.99 -1.83 -3.54
CA PRO A 205 -18.90 -1.06 -2.69
C PRO A 205 -18.37 -0.94 -1.24
N ALA A 206 -17.78 -2.02 -0.73
CA ALA A 206 -17.16 -1.97 0.60
C ALA A 206 -15.96 -0.99 0.58
N GLU A 207 -15.18 -0.96 -0.51
CA GLU A 207 -14.07 0.00 -0.57
C GLU A 207 -14.62 1.43 -0.58
N CYS A 208 -15.67 1.67 -1.36
CA CYS A 208 -16.25 3.02 -1.44
C CYS A 208 -16.80 3.50 -0.09
N THR A 209 -17.53 2.63 0.57
CA THR A 209 -18.08 2.93 1.88
C THR A 209 -16.97 3.25 2.88
N MET A 210 -15.92 2.46 2.86
CA MET A 210 -14.77 2.77 3.66
C MET A 210 -14.15 4.12 3.27
N LEU A 211 -14.01 4.42 1.98
CA LEU A 211 -13.30 5.69 1.59
C LEU A 211 -14.16 6.89 2.02
N LEU A 212 -15.47 6.77 1.84
CA LEU A 212 -16.39 7.81 2.26
C LEU A 212 -16.23 8.04 3.75
N ASN A 213 -16.22 6.97 4.53
CA ASN A 213 -16.12 7.10 5.96
C ASN A 213 -14.81 7.66 6.46
N MET A 214 -13.72 7.51 5.68
CA MET A 214 -12.44 8.14 6.02
C MET A 214 -12.42 9.64 5.75
N GLY A 215 -13.47 10.20 5.16
CA GLY A 215 -13.48 11.62 4.84
C GLY A 215 -13.28 12.04 3.37
N CYS A 216 -13.37 11.08 2.45
CA CYS A 216 -13.08 11.37 1.05
C CYS A 216 -14.33 11.79 0.29
N ASP A 217 -14.16 12.71 -0.65
CA ASP A 217 -15.28 13.22 -1.46
C ASP A 217 -15.28 12.60 -2.84
N VAL A 218 -14.11 12.42 -3.44
CA VAL A 218 -14.00 11.80 -4.76
C VAL A 218 -12.82 10.81 -4.79
N VAL A 219 -12.91 9.82 -5.67
CA VAL A 219 -11.83 8.83 -5.76
C VAL A 219 -11.42 8.73 -7.26
N GLY A 220 -10.12 8.67 -7.52
CA GLY A 220 -9.59 8.49 -8.84
C GLY A 220 -8.25 7.77 -8.76
N MET A 221 -7.61 7.55 -9.91
CA MET A 221 -6.42 6.70 -9.99
C MET A 221 -5.22 7.51 -10.47
N SER A 222 -5.31 8.84 -10.37
CA SER A 222 -4.23 9.68 -10.87
C SER A 222 -3.97 10.90 -10.02
N THR A 223 -3.28 11.88 -10.60
CA THR A 223 -3.19 13.25 -10.09
C THR A 223 -2.29 13.51 -8.89
N ILE A 224 -2.53 12.79 -7.80
CA ILE A 224 -1.73 13.02 -6.60
C ILE A 224 -0.22 12.93 -6.88
N PRO A 225 0.24 11.91 -7.63
CA PRO A 225 1.69 11.88 -7.83
C PRO A 225 2.26 13.15 -8.47
N GLU A 226 1.54 13.73 -9.42
CA GLU A 226 1.99 14.91 -10.15
C GLU A 226 1.98 16.10 -9.21
N VAL A 227 0.99 16.14 -8.33
CA VAL A 227 0.83 17.24 -7.39
C VAL A 227 1.96 17.23 -6.38
N VAL A 228 2.38 16.04 -5.96
CA VAL A 228 3.50 15.88 -5.02
C VAL A 228 4.79 16.38 -5.65
N ILE A 229 5.00 16.03 -6.91
CA ILE A 229 6.20 16.44 -7.59
C ILE A 229 6.27 17.95 -7.81
N ALA A 230 5.10 18.52 -8.13
CA ALA A 230 4.91 19.93 -8.32
C ALA A 230 5.13 20.74 -7.05
N ARG A 231 4.53 20.34 -5.94
CA ARG A 231 4.78 21.03 -4.69
C ARG A 231 6.23 20.86 -4.25
N HIS A 232 6.81 19.69 -4.51
CA HIS A 232 8.20 19.42 -4.09
C HIS A 232 9.13 20.48 -4.77
N CYS A 233 8.88 20.84 -6.01
CA CYS A 233 9.73 21.81 -6.68
C CYS A 233 9.15 23.22 -6.74
N GLY A 234 8.16 23.48 -5.89
CA GLY A 234 7.64 24.82 -5.71
C GLY A 234 6.72 25.40 -6.81
N ILE A 235 6.15 24.57 -7.66
CA ILE A 235 5.07 24.96 -8.54
C ILE A 235 3.72 25.00 -7.79
N GLN A 236 2.91 26.03 -8.03
CA GLN A 236 1.62 26.15 -7.34
C GLN A 236 0.62 25.32 -8.10
N VAL A 237 -0.40 24.83 -7.39
CA VAL A 237 -1.27 23.81 -7.95
C VAL A 237 -2.74 24.16 -7.81
N PHE A 238 -3.47 23.97 -8.89
CA PHE A 238 -4.93 23.94 -8.89
C PHE A 238 -5.42 22.63 -9.54
N ALA A 239 -6.38 21.97 -8.94
CA ALA A 239 -6.78 20.64 -9.42
C ALA A 239 -8.27 20.50 -9.27
N VAL A 240 -8.90 19.95 -10.29
CA VAL A 240 -10.34 19.74 -10.28
C VAL A 240 -10.71 18.35 -10.82
N SER A 241 -11.62 17.69 -10.13
CA SER A 241 -12.18 16.45 -10.61
C SER A 241 -13.53 16.70 -11.27
N LEU A 242 -13.77 16.07 -12.41
CA LEU A 242 -15.12 15.99 -12.97
C LEU A 242 -15.73 14.71 -12.38
N VAL A 243 -16.88 14.82 -11.71
CA VAL A 243 -17.60 13.62 -11.28
C VAL A 243 -18.20 12.94 -12.50
N THR A 244 -17.56 11.84 -12.92
CA THR A 244 -17.94 11.14 -14.13
C THR A 244 -18.79 9.88 -13.82
N ASN A 245 -18.91 9.54 -12.54
CA ASN A 245 -19.83 8.51 -12.11
C ASN A 245 -20.05 8.61 -10.61
N ILE A 246 -21.14 8.00 -10.13
CA ILE A 246 -21.50 8.07 -8.74
C ILE A 246 -21.11 6.74 -8.10
N SER A 247 -20.24 6.78 -7.10
CA SER A 247 -19.78 5.51 -6.56
C SER A 247 -20.97 4.74 -5.99
N VAL A 248 -20.97 3.43 -6.23
CA VAL A 248 -22.01 2.53 -5.75
C VAL A 248 -21.60 1.96 -4.40
N LEU A 249 -22.41 2.20 -3.38
CA LEU A 249 -22.02 1.82 -2.01
C LEU A 249 -22.65 0.50 -1.60
N ASP A 250 -23.59 0.06 -2.41
CA ASP A 250 -24.49 -1.05 -2.09
C ASP A 250 -24.14 -2.27 -2.95
N VAL A 251 -23.80 -3.36 -2.31
CA VAL A 251 -23.37 -4.52 -3.08
C VAL A 251 -24.51 -5.18 -3.90
N GLU A 252 -25.76 -4.90 -3.54
CA GLU A 252 -26.89 -5.52 -4.23
C GLU A 252 -27.31 -4.78 -5.51
N SER A 253 -26.71 -3.61 -5.77
CA SER A 253 -26.95 -2.79 -6.96
C SER A 253 -26.40 -3.39 -8.27
N ASP A 254 -27.11 -3.17 -9.37
CA ASP A 254 -26.66 -3.63 -10.69
C ASP A 254 -25.88 -2.57 -11.47
N LEU A 255 -26.01 -1.31 -11.06
CA LEU A 255 -25.27 -0.19 -11.64
C LEU A 255 -23.76 -0.38 -11.47
N LYS A 256 -23.02 -0.11 -12.54
CA LYS A 256 -21.56 -0.23 -12.48
C LYS A 256 -20.83 0.86 -13.27
N PRO A 257 -19.62 1.21 -12.79
CA PRO A 257 -18.79 2.16 -13.52
C PRO A 257 -18.27 1.48 -14.81
N ASN A 258 -18.16 2.27 -15.85
CA ASN A 258 -17.55 1.81 -17.05
C ASN A 258 -16.86 2.98 -17.69
N HIS A 259 -15.71 2.72 -18.27
CA HIS A 259 -14.87 3.78 -18.82
C HIS A 259 -15.52 4.57 -20.00
N GLU A 260 -16.37 3.93 -20.77
CA GLU A 260 -17.07 4.67 -21.83
C GLU A 260 -17.96 5.79 -21.30
N GLU A 261 -18.69 5.50 -20.24
CA GLU A 261 -19.53 6.51 -19.62
C GLU A 261 -18.71 7.63 -18.99
N VAL A 262 -17.50 7.30 -18.52
CA VAL A 262 -16.57 8.30 -18.06
C VAL A 262 -16.16 9.23 -19.20
N LEU A 263 -15.76 8.63 -20.33
CA LEU A 263 -15.36 9.43 -21.50
C LEU A 263 -16.56 10.27 -21.98
N ALA A 264 -17.77 9.73 -21.79
CA ALA A 264 -18.96 10.40 -22.35
C ALA A 264 -19.29 11.63 -21.53
N THR A 265 -19.17 11.51 -20.21
CA THR A 265 -19.45 12.63 -19.33
C THR A 265 -18.40 13.67 -19.55
N GLY A 266 -17.14 13.24 -19.71
CA GLY A 266 -16.04 14.13 -20.01
C GLY A 266 -16.33 14.98 -21.24
N ALA A 267 -16.80 14.32 -22.29
CA ALA A 267 -17.10 14.96 -23.55
C ALA A 267 -18.24 15.98 -23.41
N GLN A 268 -19.24 15.67 -22.60
CA GLN A 268 -20.32 16.64 -22.32
C GLN A 268 -19.91 17.88 -21.55
N ARG A 269 -18.94 17.74 -20.65
CA ARG A 269 -18.50 18.86 -19.80
C ARG A 269 -17.20 19.54 -20.21
N ALA A 270 -16.52 18.99 -21.22
CA ALA A 270 -15.16 19.45 -21.58
C ALA A 270 -15.13 20.92 -22.02
N GLU A 271 -16.20 21.33 -22.70
CA GLU A 271 -16.30 22.71 -23.21
C GLU A 271 -16.58 23.70 -22.09
N LEU A 272 -17.47 23.32 -21.18
CA LEU A 272 -17.65 24.16 -20.00
C LEU A 272 -16.35 24.22 -19.17
N MET A 273 -15.65 23.09 -19.02
CA MET A 273 -14.42 23.14 -18.20
C MET A 273 -13.33 23.97 -18.90
N GLN A 274 -13.23 23.85 -20.22
CA GLN A 274 -12.21 24.57 -20.97
C GLN A 274 -12.47 26.05 -20.74
N SER A 275 -13.72 26.43 -20.90
CA SER A 275 -14.11 27.82 -20.69
C SER A 275 -13.77 28.31 -19.27
N TRP A 276 -14.04 27.46 -18.28
CA TRP A 276 -13.69 27.76 -16.89
C TRP A 276 -12.21 28.01 -16.73
N PHE A 277 -11.37 27.10 -17.24
CA PHE A 277 -9.93 27.28 -17.11
C PHE A 277 -9.44 28.60 -17.77
N GLU A 278 -9.94 28.87 -18.98
CA GLU A 278 -9.54 30.07 -19.72
C GLU A 278 -9.92 31.31 -18.96
N LYS A 279 -11.08 31.25 -18.30
CA LYS A 279 -11.51 32.41 -17.54
C LYS A 279 -10.70 32.59 -16.26
N ILE A 280 -10.31 31.48 -15.64
CA ILE A 280 -9.43 31.57 -14.48
C ILE A 280 -8.06 32.16 -14.85
N ILE A 281 -7.48 31.64 -15.93
CA ILE A 281 -6.17 32.09 -16.40
C ILE A 281 -6.18 33.59 -16.73
N GLU A 282 -7.30 34.05 -17.29
CA GLU A 282 -7.47 35.46 -17.58
C GLU A 282 -7.34 36.34 -16.34
N LYS A 283 -7.77 35.82 -15.19
CA LYS A 283 -7.74 36.63 -13.97
C LYS A 283 -6.54 36.34 -13.04
N LEU A 284 -5.65 35.45 -13.46
CA LEU A 284 -4.42 35.23 -12.70
C LEU A 284 -3.64 36.54 -12.60
N PRO A 285 -3.11 36.83 -11.41
CA PRO A 285 -2.20 37.99 -11.24
C PRO A 285 -1.08 37.91 -12.29
N LYS A 286 -0.66 39.07 -12.80
CA LYS A 286 0.43 39.09 -13.77
C LYS A 286 1.55 40.00 -13.30
N SER B 4 9.72 -13.74 -14.32
CA SER B 4 8.69 -14.69 -14.72
C SER B 4 8.04 -14.31 -16.03
N VAL B 5 7.13 -15.17 -16.50
CA VAL B 5 6.53 -15.04 -17.83
C VAL B 5 5.21 -14.23 -17.82
N THR B 6 5.11 -13.27 -18.71
CA THR B 6 3.93 -12.43 -18.83
C THR B 6 2.68 -13.27 -19.04
N ALA B 7 1.62 -12.97 -18.31
CA ALA B 7 0.37 -13.70 -18.44
C ALA B 7 -0.44 -13.12 -19.61
N ASN B 8 0.19 -13.11 -20.79
CA ASN B 8 -0.41 -12.67 -22.02
C ASN B 8 -1.05 -13.86 -22.77
N ILE B 9 -1.82 -13.57 -23.79
CA ILE B 9 -2.58 -14.61 -24.45
C ILE B 9 -1.65 -15.67 -25.03
N GLU B 10 -0.48 -15.27 -25.53
CA GLU B 10 0.47 -16.26 -26.09
C GLU B 10 0.98 -17.26 -25.04
N ASN B 11 1.45 -16.76 -23.89
CA ASN B 11 2.03 -17.63 -22.89
C ASN B 11 0.95 -18.47 -22.22
N VAL B 12 -0.22 -17.87 -22.00
CA VAL B 12 -1.34 -18.61 -21.38
C VAL B 12 -1.80 -19.74 -22.30
N LYS B 13 -1.89 -19.45 -23.60
CA LYS B 13 -2.21 -20.48 -24.60
C LYS B 13 -1.22 -21.67 -24.54
N LYS B 14 0.08 -21.37 -24.48
CA LYS B 14 1.10 -22.42 -24.39
C LYS B 14 0.80 -23.35 -23.22
N VAL B 15 0.72 -22.79 -22.01
CA VAL B 15 0.45 -23.58 -20.82
C VAL B 15 -0.85 -24.36 -20.94
N ALA B 16 -1.89 -23.73 -21.47
CA ALA B 16 -3.17 -24.41 -21.61
C ALA B 16 -3.06 -25.55 -22.63
N HIS B 17 -2.34 -25.35 -23.73
CA HIS B 17 -2.26 -26.41 -24.75
C HIS B 17 -1.46 -27.59 -24.25
N HIS B 18 -0.42 -27.32 -23.47
CA HIS B 18 0.36 -28.38 -22.84
C HIS B 18 -0.51 -29.26 -21.93
N ILE B 19 -1.25 -28.61 -21.02
CA ILE B 19 -2.14 -29.30 -20.12
C ILE B 19 -3.14 -30.13 -20.91
N GLN B 20 -3.63 -29.59 -22.02
CA GLN B 20 -4.65 -30.23 -22.84
C GLN B 20 -4.16 -31.51 -23.49
N LYS B 21 -2.84 -31.68 -23.48
CA LYS B 21 -2.21 -32.90 -23.97
C LYS B 21 -2.16 -33.97 -22.88
N LEU B 22 -2.04 -33.53 -21.63
CA LEU B 22 -1.98 -34.45 -20.50
C LEU B 22 -3.36 -34.85 -19.97
N THR B 23 -4.41 -34.23 -20.49
CA THR B 23 -5.78 -34.60 -20.09
C THR B 23 -6.84 -34.19 -21.10
N SER B 24 -7.94 -34.92 -21.06
CA SER B 24 -9.04 -34.70 -21.99
C SER B 24 -10.21 -34.01 -21.28
N ILE B 25 -10.08 -33.80 -19.98
CA ILE B 25 -11.16 -33.20 -19.22
C ILE B 25 -11.25 -31.73 -19.59
N VAL B 26 -12.43 -31.30 -20.00
CA VAL B 26 -12.68 -29.89 -20.23
C VAL B 26 -13.47 -29.36 -19.04
N PRO B 27 -12.77 -28.66 -18.12
CA PRO B 27 -13.37 -28.20 -16.86
C PRO B 27 -14.40 -27.10 -17.05
N GLU B 28 -15.56 -27.22 -16.43
CA GLU B 28 -16.47 -26.09 -16.35
C GLU B 28 -16.27 -25.34 -15.03
N ILE B 29 -15.74 -26.03 -14.02
CA ILE B 29 -15.67 -25.42 -12.71
C ILE B 29 -14.26 -25.55 -12.19
N GLY B 30 -13.74 -24.43 -11.67
CA GLY B 30 -12.39 -24.37 -11.10
C GLY B 30 -12.51 -24.22 -9.58
N ILE B 31 -11.64 -24.92 -8.86
CA ILE B 31 -11.66 -24.93 -7.40
C ILE B 31 -10.23 -24.69 -6.89
N ILE B 32 -10.11 -23.80 -5.91
CA ILE B 32 -8.83 -23.48 -5.29
C ILE B 32 -8.91 -23.74 -3.78
N CYS B 33 -8.03 -24.59 -3.25
CA CYS B 33 -8.05 -24.91 -1.82
C CYS B 33 -7.11 -24.07 -0.99
N GLY B 34 -7.64 -23.46 0.09
CA GLY B 34 -6.86 -22.62 0.98
C GLY B 34 -6.09 -23.43 2.01
N SER B 35 -5.48 -22.76 3.00
CA SER B 35 -4.64 -23.41 3.98
C SER B 35 -5.40 -24.49 4.75
N GLY B 36 -4.84 -25.71 4.77
CA GLY B 36 -5.43 -26.86 5.44
C GLY B 36 -6.66 -27.50 4.74
N LEU B 37 -7.04 -27.02 3.55
CA LEU B 37 -8.34 -27.38 2.95
C LEU B 37 -8.20 -28.27 1.72
N GLY B 38 -7.04 -28.89 1.62
CA GLY B 38 -6.72 -29.74 0.49
C GLY B 38 -7.69 -30.87 0.23
N LYS B 39 -8.42 -31.29 1.26
CA LYS B 39 -9.38 -32.40 1.12
C LYS B 39 -10.60 -32.13 0.27
N LEU B 40 -10.90 -30.87 -0.10
CA LEU B 40 -12.05 -30.62 -0.98
C LEU B 40 -11.90 -31.25 -2.38
N ALA B 41 -10.74 -31.90 -2.58
CA ALA B 41 -10.29 -32.43 -3.86
C ALA B 41 -10.33 -33.97 -3.86
N ASP B 42 -10.75 -34.56 -2.77
CA ASP B 42 -10.54 -35.99 -2.58
C ASP B 42 -11.72 -36.83 -3.02
N GLY B 43 -12.84 -36.16 -3.27
CA GLY B 43 -14.02 -36.79 -3.83
C GLY B 43 -14.07 -36.71 -5.36
N VAL B 44 -13.06 -36.10 -5.97
CA VAL B 44 -12.99 -36.00 -7.43
C VAL B 44 -12.87 -37.40 -8.02
N LYS B 45 -13.82 -37.77 -8.88
CA LYS B 45 -13.82 -39.08 -9.51
C LYS B 45 -13.14 -39.06 -10.86
N ASP B 46 -12.58 -40.19 -11.28
CA ASP B 46 -11.89 -40.27 -12.57
C ASP B 46 -10.82 -39.21 -12.68
N LYS B 47 -10.06 -39.06 -11.61
CA LYS B 47 -9.13 -37.95 -11.49
C LYS B 47 -7.79 -38.18 -12.17
N ILE B 48 -7.23 -37.09 -12.66
CA ILE B 48 -5.87 -37.04 -13.19
C ILE B 48 -5.15 -36.00 -12.35
N THR B 49 -4.11 -36.41 -11.63
CA THR B 49 -3.29 -35.51 -10.83
C THR B 49 -2.05 -35.11 -11.62
N ILE B 50 -1.92 -33.81 -11.91
CA ILE B 50 -0.75 -33.29 -12.62
C ILE B 50 0.01 -32.35 -11.68
N PRO B 51 1.21 -32.77 -11.22
CA PRO B 51 2.01 -31.90 -10.35
C PRO B 51 2.47 -30.62 -11.10
N TYR B 52 2.53 -29.51 -10.39
CA TYR B 52 2.95 -28.24 -11.01
C TYR B 52 4.30 -28.35 -11.72
N THR B 53 5.15 -29.27 -11.25
CA THR B 53 6.47 -29.51 -11.83
C THR B 53 6.42 -30.06 -13.26
N LYS B 54 5.35 -30.77 -13.60
CA LYS B 54 5.21 -31.34 -14.94
C LYS B 54 4.45 -30.41 -15.85
N ILE B 55 4.27 -29.16 -15.41
CA ILE B 55 3.80 -28.09 -16.29
C ILE B 55 4.78 -26.94 -16.49
N PRO B 56 5.23 -26.75 -17.74
CA PRO B 56 6.09 -25.64 -18.18
C PRO B 56 5.46 -24.28 -17.89
N ASN B 57 6.16 -23.46 -17.12
CA ASN B 57 5.77 -22.07 -16.87
C ASN B 57 4.79 -21.87 -15.72
N PHE B 58 4.21 -22.96 -15.25
CA PHE B 58 3.52 -22.90 -14.00
C PHE B 58 4.62 -22.64 -12.99
N PRO B 59 4.25 -22.29 -11.75
CA PRO B 59 5.19 -22.08 -10.64
C PRO B 59 5.65 -23.37 -9.96
N GLN B 60 6.33 -23.17 -8.83
CA GLN B 60 6.41 -24.11 -7.69
C GLN B 60 5.67 -23.51 -6.50
N THR B 61 5.06 -24.37 -5.66
CA THR B 61 4.52 -23.90 -4.35
C THR B 61 5.15 -24.35 -3.01
N SER B 62 5.73 -23.38 -2.28
CA SER B 62 6.39 -23.66 -1.01
C SER B 62 5.74 -22.99 0.20
N VAL B 63 4.55 -23.45 0.56
CA VAL B 63 3.84 -22.94 1.74
C VAL B 63 3.40 -24.20 2.49
N VAL B 64 3.17 -24.10 3.80
CA VAL B 64 2.79 -25.33 4.48
C VAL B 64 1.26 -25.46 4.44
N GLY B 65 0.78 -26.65 4.05
CA GLY B 65 -0.63 -26.89 3.79
C GLY B 65 -1.11 -26.64 2.35
N HIS B 66 -0.14 -26.55 1.42
CA HIS B 66 -0.33 -26.37 -0.03
C HIS B 66 0.67 -27.30 -0.81
N SER B 67 0.22 -28.43 -1.39
CA SER B 67 1.11 -29.29 -2.22
C SER B 67 1.05 -28.71 -3.62
N GLY B 68 1.97 -28.98 -4.57
CA GLY B 68 1.55 -28.50 -5.87
C GLY B 68 0.92 -29.39 -6.92
N ASN B 69 -0.40 -29.63 -6.85
CA ASN B 69 -1.10 -30.39 -7.91
C ASN B 69 -2.29 -29.71 -8.57
N LEU B 70 -2.38 -29.92 -9.87
CA LEU B 70 -3.55 -29.58 -10.65
C LEU B 70 -4.29 -30.91 -10.84
N ILE B 71 -5.53 -30.96 -10.37
CA ILE B 71 -6.29 -32.19 -10.38
C ILE B 71 -7.52 -32.04 -11.28
N PHE B 72 -7.65 -32.93 -12.27
CA PHE B 72 -8.84 -32.93 -13.15
C PHE B 72 -9.73 -34.13 -12.87
N GLY B 73 -11.04 -33.93 -12.99
CA GLY B 73 -11.94 -35.04 -12.77
C GLY B 73 -13.37 -34.56 -12.83
N THR B 74 -14.26 -35.37 -12.26
CA THR B 74 -15.66 -34.99 -12.20
C THR B 74 -16.09 -34.96 -10.75
N LEU B 75 -17.07 -34.11 -10.45
CA LEU B 75 -17.53 -33.94 -9.08
C LEU B 75 -19.01 -33.70 -9.18
N SER B 76 -19.79 -34.53 -8.48
CA SER B 76 -21.23 -34.41 -8.56
C SER B 76 -21.69 -34.28 -10.01
N GLY B 77 -21.09 -35.07 -10.91
CA GLY B 77 -21.51 -35.09 -12.31
C GLY B 77 -20.86 -34.06 -13.23
N ARG B 78 -20.16 -33.07 -12.66
CA ARG B 78 -19.57 -31.98 -13.45
C ARG B 78 -18.07 -32.11 -13.59
N LYS B 79 -17.54 -31.53 -14.66
CA LYS B 79 -16.09 -31.53 -14.86
C LYS B 79 -15.40 -30.36 -14.11
N VAL B 80 -14.42 -30.70 -13.31
CA VAL B 80 -13.76 -29.72 -12.47
C VAL B 80 -12.24 -29.79 -12.64
N VAL B 81 -11.58 -28.68 -12.38
CA VAL B 81 -10.15 -28.68 -12.20
C VAL B 81 -9.92 -28.04 -10.81
N VAL B 82 -8.95 -28.58 -10.10
CA VAL B 82 -8.73 -28.21 -8.71
C VAL B 82 -7.27 -27.86 -8.54
N MET B 83 -7.02 -26.65 -8.06
CA MET B 83 -5.68 -26.24 -7.72
C MET B 83 -5.48 -26.64 -6.30
N GLN B 84 -4.72 -27.70 -6.11
CA GLN B 84 -4.35 -28.10 -4.76
C GLN B 84 -3.09 -27.37 -4.40
N GLY B 85 -3.24 -26.30 -3.62
CA GLY B 85 -2.13 -25.39 -3.37
C GLY B 85 -2.16 -24.14 -4.27
N ARG B 86 -2.23 -22.97 -3.64
CA ARG B 86 -2.20 -21.70 -4.36
C ARG B 86 -0.90 -20.93 -4.19
N PHE B 87 -0.85 -19.76 -4.80
CA PHE B 87 0.35 -18.93 -4.87
C PHE B 87 0.06 -17.61 -4.15
N HIS B 88 0.90 -17.26 -3.19
CA HIS B 88 0.60 -16.15 -2.32
C HIS B 88 1.58 -15.04 -2.61
N MET B 89 1.05 -13.82 -2.59
CA MET B 89 1.89 -12.65 -2.83
C MET B 89 2.97 -12.48 -1.76
N TYR B 90 2.63 -12.82 -0.52
CA TYR B 90 3.57 -12.71 0.60
C TYR B 90 4.74 -13.68 0.44
N GLU B 91 4.73 -14.43 -0.66
CA GLU B 91 5.80 -15.39 -0.93
C GLU B 91 6.83 -14.83 -1.89
N GLY B 92 6.49 -13.70 -2.51
CA GLY B 92 7.39 -13.05 -3.45
C GLY B 92 7.00 -13.20 -4.93
N TYR B 93 5.92 -13.94 -5.23
CA TYR B 93 5.44 -14.13 -6.60
C TYR B 93 5.00 -12.83 -7.26
N SER B 94 5.26 -12.71 -8.57
CA SER B 94 4.86 -11.54 -9.34
C SER B 94 3.35 -11.59 -9.59
N ASN B 95 2.78 -10.44 -9.95
CA ASN B 95 1.41 -10.38 -10.49
C ASN B 95 1.16 -11.39 -11.60
N ASP B 96 2.09 -11.47 -12.55
CA ASP B 96 1.94 -12.33 -13.71
C ASP B 96 1.88 -13.80 -13.29
N THR B 97 2.65 -14.16 -12.27
CA THR B 97 2.66 -15.55 -11.80
C THR B 97 1.34 -15.93 -11.13
N VAL B 98 0.79 -15.00 -10.35
CA VAL B 98 -0.49 -15.28 -9.69
C VAL B 98 -1.64 -15.27 -10.70
N ALA B 99 -1.54 -14.42 -11.72
CA ALA B 99 -2.59 -14.31 -12.73
C ALA B 99 -2.63 -15.41 -13.81
N LEU B 100 -1.51 -16.11 -14.00
CA LEU B 100 -1.44 -17.14 -15.02
C LEU B 100 -2.41 -18.34 -14.86
N PRO B 101 -2.35 -19.03 -13.70
CA PRO B 101 -3.21 -20.20 -13.47
C PRO B 101 -4.69 -19.92 -13.67
N ILE B 102 -5.15 -18.72 -13.28
CA ILE B 102 -6.56 -18.35 -13.43
C ILE B 102 -6.89 -18.10 -14.94
N ARG B 103 -5.97 -17.44 -15.66
CA ARG B 103 -6.14 -17.22 -17.10
C ARG B 103 -6.07 -18.53 -17.92
N VAL B 104 -5.23 -19.46 -17.48
CA VAL B 104 -5.19 -20.84 -18.00
C VAL B 104 -6.54 -21.58 -17.82
N MET B 105 -7.08 -21.60 -16.60
CA MET B 105 -8.44 -22.06 -16.36
C MET B 105 -9.44 -21.49 -17.36
N LYS B 106 -9.39 -20.18 -17.54
CA LYS B 106 -10.24 -19.53 -18.55
C LYS B 106 -10.13 -20.23 -19.91
N LEU B 107 -8.91 -20.41 -20.41
CA LEU B 107 -8.74 -21.06 -21.72
C LEU B 107 -9.12 -22.55 -21.74
N LEU B 108 -9.02 -23.19 -20.58
CA LEU B 108 -9.45 -24.60 -20.43
C LEU B 108 -10.96 -24.79 -20.44
N GLY B 109 -11.72 -23.73 -20.18
CA GLY B 109 -13.16 -23.87 -20.23
C GLY B 109 -13.87 -23.47 -18.97
N VAL B 110 -13.12 -23.10 -17.93
CA VAL B 110 -13.75 -22.78 -16.65
C VAL B 110 -14.74 -21.60 -16.74
N LYS B 111 -15.94 -21.77 -16.19
CA LYS B 111 -16.98 -20.73 -16.17
C LYS B 111 -17.21 -20.29 -14.75
N ILE B 112 -17.02 -21.20 -13.83
CA ILE B 112 -17.26 -20.85 -12.45
C ILE B 112 -16.06 -21.19 -11.56
N LEU B 113 -15.67 -20.25 -10.69
CA LEU B 113 -14.51 -20.45 -9.83
C LEU B 113 -14.96 -20.42 -8.37
N MET B 114 -14.62 -21.48 -7.65
CA MET B 114 -14.98 -21.65 -6.24
C MET B 114 -13.71 -21.64 -5.43
N VAL B 115 -13.59 -20.65 -4.56
CA VAL B 115 -12.35 -20.54 -3.81
C VAL B 115 -12.58 -20.61 -2.31
N SER B 116 -11.64 -21.22 -1.60
CA SER B 116 -11.74 -21.28 -0.14
C SER B 116 -10.44 -20.70 0.40
N ASN B 117 -10.43 -20.28 1.66
CA ASN B 117 -9.24 -19.78 2.28
C ASN B 117 -9.46 -19.82 3.77
N ALA B 118 -8.38 -19.69 4.52
CA ALA B 118 -8.43 -19.61 5.99
C ALA B 118 -8.28 -18.13 6.35
N ALA B 119 -9.00 -17.65 7.36
CA ALA B 119 -9.03 -16.25 7.68
C ALA B 119 -9.16 -16.09 9.18
N GLY B 120 -8.85 -14.90 9.65
CA GLY B 120 -9.11 -14.56 11.05
C GLY B 120 -10.42 -13.84 11.09
N GLY B 121 -11.17 -14.06 12.17
CA GLY B 121 -12.49 -13.47 12.28
C GLY B 121 -12.39 -12.14 13.01
N LEU B 122 -12.82 -11.09 12.35
CA LEU B 122 -12.79 -9.76 12.97
C LEU B 122 -14.12 -9.54 13.64
N ASN B 123 -15.19 -9.79 12.88
CA ASN B 123 -16.58 -9.65 13.33
C ASN B 123 -16.78 -10.40 14.66
N ARG B 124 -17.27 -9.70 15.67
CA ARG B 124 -17.29 -10.19 17.05
C ARG B 124 -18.35 -11.28 17.23
N SER B 125 -19.20 -11.45 16.25
CA SER B 125 -20.21 -12.49 16.37
C SER B 125 -19.74 -13.81 15.75
N LEU B 126 -18.56 -13.84 15.16
CA LEU B 126 -18.07 -15.07 14.54
C LEU B 126 -17.49 -16.04 15.55
N LYS B 127 -17.64 -17.32 15.25
CA LYS B 127 -17.08 -18.39 16.08
C LYS B 127 -16.02 -19.18 15.31
N LEU B 128 -15.13 -19.82 16.05
CA LEU B 128 -14.09 -20.62 15.43
C LEU B 128 -14.75 -21.74 14.65
N GLY B 129 -14.34 -21.92 13.40
CA GLY B 129 -14.92 -22.95 12.57
C GLY B 129 -16.11 -22.50 11.74
N ASP B 130 -16.51 -21.24 11.89
CA ASP B 130 -17.63 -20.72 11.08
C ASP B 130 -17.19 -20.54 9.63
N PHE B 131 -18.16 -20.54 8.72
CA PHE B 131 -17.86 -20.26 7.33
C PHE B 131 -18.37 -18.88 6.99
N VAL B 132 -17.56 -18.11 6.27
CA VAL B 132 -18.00 -16.78 5.89
C VAL B 132 -17.96 -16.67 4.38
N ILE B 133 -19.12 -16.70 3.77
CA ILE B 133 -19.20 -16.44 2.33
C ILE B 133 -18.81 -14.97 2.04
N LEU B 134 -17.91 -14.77 1.09
CA LEU B 134 -17.55 -13.41 0.75
C LEU B 134 -18.65 -12.78 -0.10
N LYS B 135 -19.18 -11.63 0.29
CA LYS B 135 -20.09 -10.91 -0.57
C LYS B 135 -19.42 -9.64 -1.09
N ASP B 136 -18.24 -9.34 -0.53
CA ASP B 136 -17.51 -8.18 -1.02
C ASP B 136 -16.11 -8.21 -0.43
N HIS B 137 -15.21 -7.34 -0.92
CA HIS B 137 -13.84 -7.34 -0.42
C HIS B 137 -13.28 -5.93 -0.30
N ILE B 138 -12.18 -5.76 0.46
CA ILE B 138 -11.41 -4.49 0.52
C ILE B 138 -9.97 -4.89 0.18
N TYR B 139 -9.51 -4.44 -0.97
CA TYR B 139 -8.23 -4.90 -1.50
C TYR B 139 -7.15 -3.90 -1.08
N LEU B 140 -6.62 -4.01 0.13
CA LEU B 140 -5.69 -2.97 0.62
C LEU B 140 -4.48 -2.83 -0.31
N PRO B 141 -3.86 -3.94 -0.69
CA PRO B 141 -2.71 -3.78 -1.61
C PRO B 141 -3.13 -3.11 -2.93
N GLY B 142 -4.32 -3.46 -3.42
CA GLY B 142 -4.79 -2.86 -4.66
C GLY B 142 -5.00 -1.37 -4.54
N LEU B 143 -5.56 -0.91 -3.43
CA LEU B 143 -5.72 0.54 -3.24
C LEU B 143 -4.37 1.21 -3.21
N GLY B 144 -3.35 0.51 -2.72
CA GLY B 144 -2.05 1.15 -2.52
C GLY B 144 -1.03 0.90 -3.63
N LEU B 145 -1.54 0.63 -4.84
CA LEU B 145 -0.68 0.48 -6.02
C LEU B 145 -0.03 -0.89 -6.22
N ASN B 146 -0.53 -1.90 -5.48
CA ASN B 146 -0.11 -3.29 -5.73
C ASN B 146 -1.26 -4.17 -6.23
N ASN B 147 -2.12 -3.57 -7.06
CA ASN B 147 -3.21 -4.32 -7.68
C ASN B 147 -2.57 -5.29 -8.66
N ILE B 148 -3.02 -6.53 -8.66
CA ILE B 148 -2.58 -7.52 -9.64
C ILE B 148 -2.71 -7.10 -11.12
N LEU B 149 -3.58 -6.15 -11.43
CA LEU B 149 -3.75 -5.74 -12.83
C LEU B 149 -2.84 -4.62 -13.26
N VAL B 150 -2.09 -4.04 -12.31
CA VAL B 150 -1.16 -2.94 -12.64
C VAL B 150 -0.24 -3.40 -13.75
N GLY B 151 -0.05 -2.52 -14.75
CA GLY B 151 0.69 -2.91 -15.94
C GLY B 151 -0.20 -2.82 -17.20
N PRO B 152 0.40 -2.97 -18.41
CA PRO B 152 -0.36 -3.07 -19.68
C PRO B 152 -1.55 -4.02 -19.53
N ASN B 153 -2.73 -3.58 -19.92
CA ASN B 153 -3.90 -4.46 -19.93
C ASN B 153 -3.76 -5.51 -21.01
N GLN B 154 -3.98 -6.77 -20.66
CA GLN B 154 -4.03 -7.84 -21.63
C GLN B 154 -5.43 -7.91 -22.20
N GLU B 155 -5.63 -7.24 -23.35
CA GLU B 155 -6.93 -7.08 -24.01
C GLU B 155 -7.64 -8.36 -24.36
N ALA B 156 -6.86 -9.39 -24.68
CA ALA B 156 -7.47 -10.66 -24.99
C ALA B 156 -8.23 -11.21 -23.77
N PHE B 157 -7.91 -10.71 -22.58
CA PHE B 157 -8.60 -11.23 -21.39
C PHE B 157 -9.72 -10.36 -20.89
N GLY B 158 -9.54 -9.05 -20.89
CA GLY B 158 -10.56 -8.20 -20.27
C GLY B 158 -10.27 -6.74 -20.52
N THR B 159 -11.02 -5.88 -19.85
CA THR B 159 -11.01 -4.47 -20.11
C THR B 159 -9.99 -3.80 -19.17
N ARG B 160 -9.64 -2.57 -19.48
CA ARG B 160 -8.61 -1.84 -18.76
C ARG B 160 -9.06 -1.55 -17.34
N PHE B 161 -10.30 -1.13 -17.19
CA PHE B 161 -10.85 -0.75 -15.92
C PHE B 161 -12.08 -1.64 -15.53
N PRO B 162 -11.82 -2.83 -15.01
CA PRO B 162 -12.93 -3.73 -14.64
C PRO B 162 -13.79 -3.22 -13.46
N ALA B 163 -15.11 -3.40 -13.53
CA ALA B 163 -15.98 -3.04 -12.41
C ALA B 163 -16.08 -4.27 -11.52
N LEU B 164 -16.16 -4.10 -10.21
CA LEU B 164 -16.20 -5.26 -9.36
C LEU B 164 -17.57 -5.36 -8.71
N SER B 165 -18.60 -4.91 -9.43
CA SER B 165 -19.97 -5.09 -8.97
C SER B 165 -20.44 -6.55 -9.23
N ASN B 166 -21.09 -7.10 -8.21
CA ASN B 166 -21.51 -8.49 -8.19
C ASN B 166 -20.33 -9.39 -8.45
N ALA B 167 -19.16 -9.00 -7.94
CA ALA B 167 -17.94 -9.84 -8.07
C ALA B 167 -18.17 -11.18 -7.39
N TYR B 168 -18.83 -11.15 -6.23
CA TYR B 168 -19.20 -12.39 -5.57
C TYR B 168 -20.66 -12.73 -5.98
N ASP B 169 -20.75 -13.42 -7.11
CA ASP B 169 -22.05 -13.64 -7.77
C ASP B 169 -23.16 -13.95 -6.78
N ARG B 170 -24.17 -13.10 -6.74
CA ARG B 170 -25.16 -13.21 -5.68
C ARG B 170 -26.07 -14.44 -5.84
N ASP B 171 -26.21 -14.95 -7.07
CA ASP B 171 -26.97 -16.20 -7.22
C ASP B 171 -26.23 -17.42 -6.64
N LEU B 172 -24.90 -17.42 -6.77
CA LEU B 172 -24.11 -18.50 -6.21
C LEU B 172 -24.15 -18.45 -4.67
N ARG B 173 -24.16 -17.24 -4.12
CA ARG B 173 -24.17 -17.03 -2.66
C ARG B 173 -25.53 -17.53 -2.12
N LYS B 174 -26.61 -17.20 -2.82
CA LYS B 174 -27.96 -17.66 -2.43
C LYS B 174 -28.06 -19.18 -2.43
N LEU B 175 -27.56 -19.79 -3.49
CA LEU B 175 -27.49 -21.24 -3.59
C LEU B 175 -26.66 -21.88 -2.49
N ALA B 176 -25.48 -21.32 -2.22
CA ALA B 176 -24.61 -21.88 -1.18
C ALA B 176 -25.30 -21.83 0.18
N VAL B 177 -26.01 -20.74 0.43
CA VAL B 177 -26.77 -20.66 1.70
C VAL B 177 -27.88 -21.70 1.83
N GLN B 178 -28.63 -21.88 0.76
CA GLN B 178 -29.75 -22.80 0.72
C GLN B 178 -29.26 -24.23 0.93
N VAL B 179 -28.16 -24.59 0.29
CA VAL B 179 -27.59 -25.92 0.46
C VAL B 179 -27.11 -26.12 1.91
N ALA B 180 -26.38 -25.15 2.49
CA ALA B 180 -26.01 -25.26 3.91
C ALA B 180 -27.26 -25.49 4.80
N GLU B 181 -28.31 -24.72 4.54
CA GLU B 181 -29.55 -24.76 5.29
C GLU B 181 -30.19 -26.14 5.25
N GLU B 182 -30.29 -26.71 4.06
CA GLU B 182 -30.98 -27.99 3.82
C GLU B 182 -30.20 -29.13 4.42
N ASN B 183 -28.90 -28.92 4.63
CA ASN B 183 -28.06 -30.01 5.08
C ASN B 183 -27.67 -29.84 6.54
N GLY B 184 -28.39 -28.93 7.20
CA GLY B 184 -28.33 -28.83 8.66
C GLY B 184 -27.15 -28.04 9.21
N PHE B 185 -26.46 -27.26 8.40
CA PHE B 185 -25.36 -26.50 9.01
C PHE B 185 -25.44 -25.02 8.69
N GLY B 186 -26.66 -24.55 8.48
CA GLY B 186 -26.93 -23.16 8.17
C GLY B 186 -26.38 -22.24 9.25
N ASN B 187 -26.33 -22.76 10.47
CA ASN B 187 -25.88 -22.00 11.61
C ASN B 187 -24.38 -21.72 11.64
N LEU B 188 -23.61 -22.38 10.77
CA LEU B 188 -22.18 -22.11 10.68
C LEU B 188 -21.91 -21.06 9.63
N VAL B 189 -22.92 -20.71 8.85
CA VAL B 189 -22.74 -19.91 7.65
C VAL B 189 -23.10 -18.43 7.81
N HIS B 190 -22.17 -17.55 7.47
CA HIS B 190 -22.39 -16.10 7.48
C HIS B 190 -22.01 -15.54 6.14
N GLN B 191 -22.32 -14.27 5.89
CA GLN B 191 -21.78 -13.60 4.68
C GLN B 191 -21.12 -12.29 5.13
N GLY B 192 -20.01 -11.92 4.49
CA GLY B 192 -19.35 -10.73 4.92
C GLY B 192 -18.28 -10.26 3.99
N VAL B 193 -17.53 -9.26 4.46
CA VAL B 193 -16.51 -8.56 3.71
C VAL B 193 -15.14 -9.10 4.13
N TYR B 194 -14.36 -9.52 3.14
CA TYR B 194 -13.01 -9.99 3.37
C TYR B 194 -12.02 -8.87 3.09
N VAL B 195 -11.10 -8.58 4.01
CA VAL B 195 -10.03 -7.62 3.71
C VAL B 195 -8.71 -8.38 3.55
N MET B 196 -7.92 -8.00 2.53
CA MET B 196 -6.60 -8.60 2.35
C MET B 196 -5.47 -7.78 2.99
N ASN B 197 -4.69 -8.45 3.83
CA ASN B 197 -3.41 -7.92 4.39
C ASN B 197 -2.37 -8.60 3.54
N GLY B 198 -1.46 -7.81 2.92
CA GLY B 198 -0.36 -8.40 2.13
C GLY B 198 0.39 -9.51 2.88
N GLY B 199 0.51 -9.35 4.19
CA GLY B 199 1.21 -10.29 5.06
C GLY B 199 2.72 -10.23 4.86
N PRO B 200 3.46 -11.16 5.45
CA PRO B 200 2.95 -12.37 6.13
C PRO B 200 2.83 -12.27 7.65
N CYS B 201 3.07 -11.13 8.28
CA CYS B 201 2.75 -10.99 9.70
C CYS B 201 1.25 -11.12 9.92
N TYR B 202 0.83 -11.81 10.97
CA TYR B 202 -0.56 -11.71 11.40
C TYR B 202 -0.80 -10.26 11.77
N GLU B 203 -2.06 -9.85 11.82
CA GLU B 203 -2.40 -8.46 12.17
C GLU B 203 -2.24 -8.17 13.66
N THR B 204 -1.71 -6.99 13.97
CA THR B 204 -1.64 -6.53 15.36
C THR B 204 -3.05 -6.24 15.86
N PRO B 205 -3.19 -6.14 17.19
CA PRO B 205 -4.49 -5.77 17.77
C PRO B 205 -4.97 -4.40 17.26
N ALA B 206 -4.09 -3.44 17.11
CA ALA B 206 -4.49 -2.12 16.59
C ALA B 206 -4.87 -2.18 15.09
N GLU B 207 -4.15 -2.98 14.31
CA GLU B 207 -4.58 -3.22 12.93
C GLU B 207 -5.95 -3.89 12.88
N CYS B 208 -6.20 -4.88 13.74
CA CYS B 208 -7.48 -5.61 13.73
C CYS B 208 -8.64 -4.70 14.08
N THR B 209 -8.44 -3.92 15.15
CA THR B 209 -9.43 -2.92 15.53
C THR B 209 -9.74 -1.98 14.37
N MET B 210 -8.70 -1.45 13.74
CA MET B 210 -8.90 -0.60 12.58
C MET B 210 -9.66 -1.34 11.46
N LEU B 211 -9.28 -2.58 11.17
CA LEU B 211 -9.95 -3.31 10.09
C LEU B 211 -11.42 -3.55 10.43
N LEU B 212 -11.67 -3.90 11.69
CA LEU B 212 -13.07 -4.11 12.08
C LEU B 212 -13.88 -2.83 11.82
N ASN B 213 -13.35 -1.69 12.25
CA ASN B 213 -14.03 -0.42 12.16
C ASN B 213 -14.23 0.06 10.74
N MET B 214 -13.44 -0.43 9.79
CA MET B 214 -13.58 -0.09 8.39
C MET B 214 -14.73 -0.89 7.74
N GLY B 215 -15.31 -1.81 8.48
CA GLY B 215 -16.37 -2.65 7.94
C GLY B 215 -15.99 -4.05 7.51
N CYS B 216 -14.83 -4.55 7.93
CA CYS B 216 -14.42 -5.88 7.54
C CYS B 216 -14.88 -6.98 8.50
N ASP B 217 -15.21 -8.14 7.95
CA ASP B 217 -15.64 -9.28 8.75
C ASP B 217 -14.54 -10.31 8.96
N VAL B 218 -13.72 -10.54 7.94
CA VAL B 218 -12.62 -11.48 8.05
C VAL B 218 -11.39 -10.92 7.35
N VAL B 219 -10.20 -11.39 7.76
CA VAL B 219 -8.97 -10.91 7.17
C VAL B 219 -8.10 -12.09 6.78
N GLY B 220 -7.48 -12.00 5.62
CA GLY B 220 -6.53 -13.00 5.19
C GLY B 220 -5.51 -12.41 4.24
N MET B 221 -4.67 -13.25 3.63
CA MET B 221 -3.48 -12.74 2.91
C MET B 221 -3.55 -13.26 1.46
N SER B 222 -4.73 -13.63 1.02
CA SER B 222 -4.84 -14.26 -0.29
C SER B 222 -6.15 -13.89 -0.98
N THR B 223 -6.48 -14.65 -2.03
CA THR B 223 -7.84 -14.72 -2.59
C THR B 223 -8.23 -13.52 -3.46
N ILE B 224 -8.21 -12.31 -2.91
CA ILE B 224 -8.58 -11.17 -3.73
C ILE B 224 -7.85 -11.08 -5.08
N PRO B 225 -6.52 -11.31 -5.14
CA PRO B 225 -5.89 -11.19 -6.45
C PRO B 225 -6.50 -12.16 -7.50
N GLU B 226 -6.79 -13.38 -7.11
CA GLU B 226 -7.34 -14.40 -7.99
C GLU B 226 -8.76 -14.02 -8.43
N VAL B 227 -9.51 -13.42 -7.51
CA VAL B 227 -10.86 -13.05 -7.81
C VAL B 227 -10.88 -11.91 -8.85
N VAL B 228 -9.95 -10.94 -8.68
CA VAL B 228 -9.83 -9.83 -9.59
C VAL B 228 -9.48 -10.34 -10.99
N ILE B 229 -8.54 -11.28 -11.08
CA ILE B 229 -8.20 -11.83 -12.39
C ILE B 229 -9.38 -12.59 -13.03
N ALA B 230 -10.14 -13.27 -12.19
CA ALA B 230 -11.26 -14.07 -12.65
C ALA B 230 -12.38 -13.18 -13.16
N ARG B 231 -12.78 -12.18 -12.37
CA ARG B 231 -13.78 -11.24 -12.87
C ARG B 231 -13.29 -10.52 -14.11
N HIS B 232 -11.99 -10.22 -14.16
CA HIS B 232 -11.44 -9.46 -15.29
C HIS B 232 -11.73 -10.24 -16.59
N CYS B 233 -11.63 -11.56 -16.54
CA CYS B 233 -11.83 -12.36 -17.74
C CYS B 233 -13.18 -13.05 -17.78
N GLY B 234 -14.12 -12.61 -16.95
CA GLY B 234 -15.52 -13.07 -17.05
C GLY B 234 -15.84 -14.43 -16.39
N ILE B 235 -14.96 -14.93 -15.53
CA ILE B 235 -15.28 -16.11 -14.76
C ILE B 235 -16.13 -15.73 -13.55
N GLN B 236 -17.21 -16.48 -13.29
CA GLN B 236 -18.03 -16.19 -12.10
C GLN B 236 -17.36 -16.75 -10.87
N VAL B 237 -17.60 -16.12 -9.73
CA VAL B 237 -16.83 -16.40 -8.50
C VAL B 237 -17.71 -16.67 -7.30
N PHE B 238 -17.38 -17.77 -6.60
CA PHE B 238 -17.89 -18.05 -5.26
C PHE B 238 -16.71 -18.22 -4.33
N ALA B 239 -16.73 -17.55 -3.18
CA ALA B 239 -15.57 -17.60 -2.27
C ALA B 239 -16.00 -17.71 -0.81
N VAL B 240 -15.31 -18.56 -0.04
CA VAL B 240 -15.64 -18.76 1.35
C VAL B 240 -14.40 -18.79 2.20
N SER B 241 -14.45 -18.06 3.30
CA SER B 241 -13.42 -18.12 4.34
C SER B 241 -13.84 -19.11 5.45
N LEU B 242 -12.92 -19.98 5.85
CA LEU B 242 -13.06 -20.69 7.13
C LEU B 242 -12.46 -19.78 8.20
N VAL B 243 -13.20 -19.51 9.27
CA VAL B 243 -12.64 -18.82 10.44
C VAL B 243 -11.74 -19.78 11.22
N THR B 244 -10.44 -19.60 11.04
CA THR B 244 -9.46 -20.48 11.62
C THR B 244 -8.87 -19.89 12.91
N ASN B 245 -9.15 -18.62 13.20
CA ASN B 245 -8.80 -18.04 14.49
C ASN B 245 -9.68 -16.82 14.67
N ILE B 246 -9.83 -16.35 15.91
CA ILE B 246 -10.53 -15.12 16.25
C ILE B 246 -9.49 -14.05 16.44
N SER B 247 -9.62 -12.95 15.71
CA SER B 247 -8.61 -11.93 15.80
C SER B 247 -8.62 -11.37 17.21
N VAL B 248 -7.43 -11.08 17.73
CA VAL B 248 -7.27 -10.44 19.02
C VAL B 248 -7.24 -8.91 18.88
N LEU B 249 -8.19 -8.23 19.53
CA LEU B 249 -8.29 -6.77 19.41
C LEU B 249 -7.61 -6.03 20.57
N ASP B 250 -7.19 -6.79 21.58
CA ASP B 250 -6.71 -6.25 22.86
C ASP B 250 -5.21 -6.49 22.98
N VAL B 251 -4.43 -5.45 23.16
CA VAL B 251 -3.01 -5.60 23.21
C VAL B 251 -2.52 -6.32 24.49
N GLU B 252 -3.33 -6.32 25.53
CA GLU B 252 -2.94 -6.93 26.81
C GLU B 252 -3.18 -8.45 26.90
N SER B 253 -3.77 -9.01 25.83
CA SER B 253 -4.05 -10.45 25.70
C SER B 253 -2.82 -11.28 25.38
N ASP B 254 -2.79 -12.52 25.90
CA ASP B 254 -1.68 -13.44 25.65
C ASP B 254 -1.95 -14.40 24.49
N LEU B 255 -3.22 -14.50 24.12
CA LEU B 255 -3.67 -15.32 22.97
C LEU B 255 -3.08 -14.84 21.64
N LYS B 256 -2.60 -15.77 20.84
CA LYS B 256 -1.99 -15.38 19.57
C LYS B 256 -2.28 -16.36 18.43
N PRO B 257 -2.31 -15.82 17.19
CA PRO B 257 -2.53 -16.69 16.03
C PRO B 257 -1.24 -17.49 15.76
N ASN B 258 -1.43 -18.71 15.26
CA ASN B 258 -0.36 -19.65 15.06
C ASN B 258 -0.75 -20.47 13.81
N HIS B 259 0.19 -20.61 12.88
CA HIS B 259 -0.07 -21.33 11.64
C HIS B 259 -0.62 -22.74 11.85
N GLU B 260 -0.03 -23.45 12.80
CA GLU B 260 -0.44 -24.83 13.11
C GLU B 260 -1.91 -24.93 13.52
N GLU B 261 -2.37 -24.00 14.33
CA GLU B 261 -3.75 -23.99 14.75
C GLU B 261 -4.66 -23.67 13.55
N VAL B 262 -4.14 -22.90 12.60
CA VAL B 262 -4.87 -22.63 11.37
C VAL B 262 -5.00 -23.95 10.57
N LEU B 263 -3.88 -24.65 10.41
CA LEU B 263 -3.92 -25.94 9.70
C LEU B 263 -4.83 -26.93 10.40
N ALA B 264 -4.82 -26.91 11.73
CA ALA B 264 -5.64 -27.82 12.52
C ALA B 264 -7.14 -27.58 12.30
N THR B 265 -7.56 -26.33 12.45
CA THR B 265 -8.97 -26.01 12.26
C THR B 265 -9.39 -26.36 10.83
N GLY B 266 -8.52 -26.05 9.86
CA GLY B 266 -8.75 -26.44 8.47
C GLY B 266 -9.04 -27.92 8.33
N ALA B 267 -8.21 -28.75 9.00
CA ALA B 267 -8.35 -30.19 8.96
C ALA B 267 -9.67 -30.65 9.53
N GLN B 268 -10.08 -30.11 10.68
CA GLN B 268 -11.36 -30.45 11.31
C GLN B 268 -12.59 -30.12 10.47
N ARG B 269 -12.52 -29.07 9.65
CA ARG B 269 -13.69 -28.64 8.87
C ARG B 269 -13.59 -29.02 7.40
N ALA B 270 -12.44 -29.52 6.98
CA ALA B 270 -12.21 -29.74 5.54
C ALA B 270 -13.26 -30.65 4.85
N GLU B 271 -13.69 -31.70 5.57
CA GLU B 271 -14.67 -32.65 5.11
C GLU B 271 -16.06 -32.02 5.01
N LEU B 272 -16.44 -31.23 6.00
CA LEU B 272 -17.73 -30.55 5.93
C LEU B 272 -17.69 -29.61 4.74
N MET B 273 -16.55 -28.96 4.53
CA MET B 273 -16.49 -27.96 3.45
C MET B 273 -16.52 -28.65 2.07
N GLN B 274 -15.81 -29.78 1.98
CA GLN B 274 -15.77 -30.55 0.75
C GLN B 274 -17.20 -30.97 0.46
N SER B 275 -17.90 -31.43 1.48
CA SER B 275 -19.25 -31.91 1.27
C SER B 275 -20.16 -30.77 0.78
N TRP B 276 -19.99 -29.60 1.40
CA TRP B 276 -20.72 -28.41 1.01
C TRP B 276 -20.47 -28.01 -0.45
N PHE B 277 -19.21 -27.96 -0.87
CA PHE B 277 -18.90 -27.64 -2.28
C PHE B 277 -19.56 -28.70 -3.25
N GLU B 278 -19.45 -29.98 -2.91
CA GLU B 278 -19.97 -31.02 -3.78
C GLU B 278 -21.48 -30.84 -3.92
N LYS B 279 -22.13 -30.43 -2.84
CA LYS B 279 -23.55 -30.30 -2.88
C LYS B 279 -23.97 -29.06 -3.66
N ILE B 280 -23.17 -28.01 -3.56
CA ILE B 280 -23.40 -26.81 -4.37
C ILE B 280 -23.25 -27.13 -5.85
N ILE B 281 -22.15 -27.77 -6.23
CA ILE B 281 -21.88 -28.12 -7.62
C ILE B 281 -23.01 -29.01 -8.18
N GLU B 282 -23.53 -29.87 -7.36
CA GLU B 282 -24.64 -30.75 -7.80
C GLU B 282 -25.88 -29.95 -8.19
N LYS B 283 -26.08 -28.80 -7.58
CA LYS B 283 -27.27 -28.00 -7.91
C LYS B 283 -26.99 -26.86 -8.89
N LEU B 284 -25.76 -26.74 -9.38
CA LEU B 284 -25.47 -25.69 -10.36
C LEU B 284 -26.32 -25.94 -11.59
N PRO B 285 -26.88 -24.86 -12.17
CA PRO B 285 -27.57 -24.97 -13.46
C PRO B 285 -26.68 -25.66 -14.47
N LYS B 286 -27.27 -26.44 -15.35
CA LYS B 286 -26.51 -27.17 -16.36
C LYS B 286 -27.08 -26.94 -17.76
N ASP B 287 -26.22 -26.59 -18.71
CA ASP B 287 -26.70 -26.37 -20.07
C ASP B 287 -26.53 -27.60 -20.96
N VAL C 5 22.28 -7.36 -1.00
CA VAL C 5 22.57 -8.73 -0.57
C VAL C 5 21.46 -9.29 0.34
N THR C 6 20.97 -10.46 -0.02
CA THR C 6 19.95 -11.19 0.76
C THR C 6 20.33 -11.34 2.22
N ALA C 7 19.39 -11.00 3.09
CA ALA C 7 19.63 -11.10 4.52
C ALA C 7 19.40 -12.55 4.99
N ASN C 8 20.07 -13.49 4.32
CA ASN C 8 20.04 -14.88 4.71
C ASN C 8 21.14 -15.18 5.76
N ILE C 9 21.09 -16.37 6.33
CA ILE C 9 22.04 -16.75 7.36
C ILE C 9 23.50 -16.64 6.93
N GLU C 10 23.82 -16.98 5.69
CA GLU C 10 25.19 -16.91 5.19
C GLU C 10 25.73 -15.48 5.16
N ASN C 11 24.97 -14.55 4.60
CA ASN C 11 25.44 -13.17 4.45
C ASN C 11 25.44 -12.47 5.79
N VAL C 12 24.42 -12.73 6.59
CA VAL C 12 24.38 -12.16 7.94
C VAL C 12 25.59 -12.64 8.77
N LYS C 13 25.90 -13.94 8.67
CA LYS C 13 27.08 -14.50 9.34
C LYS C 13 28.38 -13.81 8.92
N LYS C 14 28.58 -13.63 7.61
CA LYS C 14 29.72 -12.86 7.10
C LYS C 14 29.88 -11.52 7.82
N VAL C 15 28.85 -10.68 7.71
CA VAL C 15 28.89 -9.35 8.32
C VAL C 15 29.14 -9.42 9.82
N ALA C 16 28.47 -10.34 10.50
CA ALA C 16 28.70 -10.50 11.93
C ALA C 16 30.12 -10.94 12.26
N HIS C 17 30.72 -11.84 11.47
CA HIS C 17 32.07 -12.31 11.77
C HIS C 17 33.10 -11.21 11.52
N HIS C 18 32.91 -10.41 10.48
CA HIS C 18 33.75 -9.25 10.22
C HIS C 18 33.75 -8.29 11.40
N ILE C 19 32.57 -7.89 11.84
CA ILE C 19 32.44 -7.02 12.99
C ILE C 19 33.12 -7.61 14.22
N GLN C 20 33.01 -8.93 14.38
CA GLN C 20 33.56 -9.60 15.56
C GLN C 20 35.08 -9.59 15.59
N LYS C 21 35.67 -9.19 14.47
CA LYS C 21 37.11 -9.06 14.34
C LYS C 21 37.52 -7.67 14.75
N LEU C 22 36.65 -6.70 14.50
CA LEU C 22 36.94 -5.31 14.87
C LEU C 22 36.55 -4.96 16.30
N THR C 23 35.93 -5.89 17.03
CA THR C 23 35.58 -5.67 18.44
C THR C 23 35.29 -6.95 19.19
N SER C 24 35.51 -6.88 20.50
CA SER C 24 35.39 -8.03 21.40
C SER C 24 34.14 -7.90 22.24
N ILE C 25 33.44 -6.77 22.09
CA ILE C 25 32.21 -6.55 22.84
C ILE C 25 31.13 -7.48 22.31
N VAL C 26 30.52 -8.23 23.22
CA VAL C 26 29.38 -9.03 22.87
C VAL C 26 28.14 -8.31 23.41
N PRO C 27 27.42 -7.61 22.54
CA PRO C 27 26.28 -6.78 22.96
C PRO C 27 25.10 -7.62 23.46
N GLU C 28 24.49 -7.25 24.59
CA GLU C 28 23.23 -7.83 24.97
C GLU C 28 22.10 -6.90 24.57
N ILE C 29 22.40 -5.63 24.34
CA ILE C 29 21.36 -4.65 24.09
C ILE C 29 21.71 -3.85 22.86
N GLY C 30 20.73 -3.68 21.98
CA GLY C 30 20.93 -2.94 20.76
C GLY C 30 20.11 -1.66 20.87
N ILE C 31 20.66 -0.55 20.36
CA ILE C 31 19.97 0.72 20.38
C ILE C 31 20.01 1.40 19.01
N ILE C 32 18.91 2.00 18.62
CA ILE C 32 18.82 2.69 17.34
C ILE C 32 18.32 4.11 17.59
N CYS C 33 19.08 5.11 17.18
CA CYS C 33 18.71 6.51 17.37
C CYS C 33 17.95 7.11 16.19
N GLY C 34 16.77 7.67 16.45
CA GLY C 34 15.98 8.31 15.42
C GLY C 34 16.50 9.73 15.08
N SER C 35 15.72 10.47 14.29
CA SER C 35 16.09 11.82 13.85
C SER C 35 16.35 12.78 14.99
N GLY C 36 17.57 13.33 14.97
CA GLY C 36 18.00 14.26 15.99
C GLY C 36 18.38 13.66 17.34
N LEU C 37 18.43 12.33 17.45
CA LEU C 37 18.57 11.68 18.75
C LEU C 37 19.89 10.94 18.93
N GLY C 38 20.88 11.31 18.13
CA GLY C 38 22.19 10.68 18.14
C GLY C 38 22.97 10.76 19.46
N LYS C 39 22.58 11.66 20.35
CA LYS C 39 23.20 11.79 21.66
C LYS C 39 22.97 10.62 22.61
N LEU C 40 21.94 9.80 22.38
CA LEU C 40 21.72 8.65 23.29
C LEU C 40 22.91 7.65 23.30
N ALA C 41 23.94 8.00 22.54
CA ALA C 41 25.10 7.15 22.29
C ALA C 41 26.35 7.72 22.92
N ASP C 42 26.23 8.86 23.59
CA ASP C 42 27.41 9.62 23.98
C ASP C 42 27.91 9.28 25.37
N GLY C 43 27.07 8.63 26.15
CA GLY C 43 27.47 8.13 27.44
C GLY C 43 28.06 6.74 27.39
N VAL C 44 28.11 6.13 26.20
CA VAL C 44 28.70 4.80 26.02
C VAL C 44 30.18 4.84 26.45
N LYS C 45 30.55 4.03 27.44
CA LYS C 45 31.93 3.99 27.94
C LYS C 45 32.73 2.86 27.29
N ASP C 46 34.04 3.03 27.24
CA ASP C 46 34.94 2.09 26.59
C ASP C 46 34.44 1.79 25.19
N LYS C 47 34.11 2.86 24.45
CA LYS C 47 33.46 2.72 23.16
C LYS C 47 34.41 2.46 22.00
N ILE C 48 33.92 1.72 21.02
CA ILE C 48 34.59 1.50 19.75
C ILE C 48 33.61 1.97 18.68
N THR C 49 34.01 2.99 17.93
CA THR C 49 33.18 3.52 16.86
C THR C 49 33.61 2.90 15.53
N ILE C 50 32.73 2.12 14.90
CA ILE C 50 32.98 1.55 13.58
C ILE C 50 32.04 2.17 12.56
N PRO C 51 32.58 2.99 11.64
CA PRO C 51 31.77 3.64 10.60
C PRO C 51 31.22 2.61 9.63
N TYR C 52 30.03 2.85 9.10
CA TYR C 52 29.38 1.87 8.23
C TYR C 52 30.25 1.55 7.00
N THR C 53 31.10 2.49 6.64
CA THR C 53 32.01 2.32 5.50
C THR C 53 33.09 1.22 5.68
N LYS C 54 33.41 0.93 6.94
CA LYS C 54 34.39 -0.09 7.27
C LYS C 54 33.78 -1.48 7.26
N ILE C 55 32.45 -1.53 7.24
CA ILE C 55 31.74 -2.80 7.23
C ILE C 55 31.36 -3.21 5.81
N PRO C 56 31.65 -4.47 5.46
CA PRO C 56 31.35 -4.98 4.12
C PRO C 56 29.91 -5.50 4.03
N ASN C 57 29.12 -4.87 3.16
CA ASN C 57 27.73 -5.27 2.98
C ASN C 57 26.72 -4.53 3.83
N PHE C 58 27.20 -3.79 4.81
CA PHE C 58 26.35 -2.82 5.44
C PHE C 58 26.09 -1.78 4.37
N PRO C 59 25.16 -0.87 4.63
CA PRO C 59 24.83 0.18 3.66
C PRO C 59 25.59 1.47 3.95
N GLN C 60 25.13 2.58 3.37
CA GLN C 60 25.78 3.87 3.56
C GLN C 60 24.87 4.83 4.34
N GLY C 65 27.44 16.77 6.26
CA GLY C 65 26.67 15.55 6.14
C GLY C 65 27.54 14.40 5.71
N HIS C 66 27.55 13.31 6.48
CA HIS C 66 28.47 12.19 6.25
C HIS C 66 27.95 10.87 6.85
N SER C 67 28.83 9.88 6.97
CA SER C 67 28.42 8.51 7.29
C SER C 67 27.91 8.29 8.72
N GLY C 68 27.12 7.22 8.88
CA GLY C 68 26.77 6.58 10.12
C GLY C 68 27.76 5.62 10.75
N ASN C 69 27.49 5.32 12.03
CA ASN C 69 28.38 4.53 12.89
C ASN C 69 27.68 3.45 13.70
N LEU C 70 28.40 2.35 13.86
CA LEU C 70 28.04 1.29 14.77
C LEU C 70 28.97 1.46 15.95
N ILE C 71 28.40 1.67 17.13
CA ILE C 71 29.18 1.99 18.30
C ILE C 71 29.01 0.88 19.32
N PHE C 72 30.12 0.29 19.74
CA PHE C 72 30.14 -0.73 20.80
C PHE C 72 30.70 -0.20 22.10
N GLY C 73 30.15 -0.64 23.22
CA GLY C 73 30.66 -0.21 24.51
C GLY C 73 29.78 -0.72 25.63
N THR C 74 29.85 -0.04 26.78
CA THR C 74 29.04 -0.42 27.94
C THR C 74 28.23 0.79 28.35
N LEU C 75 27.06 0.55 28.92
CA LEU C 75 26.18 1.61 29.32
C LEU C 75 25.53 1.11 30.57
N SER C 76 25.68 1.84 31.67
CA SER C 76 25.08 1.44 32.93
C SER C 76 25.43 0.01 33.26
N GLY C 77 26.68 -0.38 32.97
CA GLY C 77 27.19 -1.71 33.33
C GLY C 77 26.96 -2.78 32.28
N ARG C 78 26.11 -2.51 31.29
CA ARG C 78 25.78 -3.52 30.28
C ARG C 78 26.44 -3.27 28.94
N LYS C 79 26.68 -4.33 28.18
CA LYS C 79 27.23 -4.24 26.84
C LYS C 79 26.17 -3.89 25.77
N VAL C 80 26.43 -2.82 25.03
CA VAL C 80 25.47 -2.33 24.04
C VAL C 80 26.12 -2.20 22.68
N VAL C 81 25.30 -2.22 21.65
CA VAL C 81 25.72 -1.80 20.35
C VAL C 81 24.67 -0.78 19.93
N VAL C 82 25.17 0.37 19.45
CA VAL C 82 24.32 1.47 19.05
C VAL C 82 24.40 1.75 17.55
N MET C 83 23.25 1.80 16.88
CA MET C 83 23.23 2.20 15.50
C MET C 83 23.04 3.70 15.51
N GLN C 84 24.08 4.42 15.18
CA GLN C 84 23.95 5.85 15.06
C GLN C 84 23.62 6.09 13.59
N GLY C 85 22.33 6.31 13.33
CA GLY C 85 21.87 6.47 11.96
C GLY C 85 21.22 5.21 11.44
N ARG C 86 19.94 5.31 11.07
CA ARG C 86 19.21 4.15 10.58
C ARG C 86 18.98 4.19 9.06
N PHE C 87 18.34 3.16 8.55
CA PHE C 87 18.05 3.06 7.12
C PHE C 87 16.56 3.19 6.88
N HIS C 88 16.17 4.08 5.99
CA HIS C 88 14.77 4.36 5.85
C HIS C 88 14.27 3.80 4.53
N MET C 89 13.03 3.34 4.55
CA MET C 89 12.45 2.82 3.34
C MET C 89 12.24 3.92 2.33
N TYR C 90 11.95 5.16 2.79
CA TYR C 90 11.63 6.22 1.83
C TYR C 90 12.89 6.57 1.02
N GLU C 91 14.07 6.13 1.53
CA GLU C 91 15.35 6.40 0.84
C GLU C 91 15.59 5.45 -0.33
N GLY C 92 14.75 4.43 -0.47
CA GLY C 92 14.89 3.52 -1.59
C GLY C 92 15.55 2.20 -1.21
N TYR C 93 15.90 2.00 0.06
CA TYR C 93 16.53 0.75 0.47
C TYR C 93 15.60 -0.47 0.32
N SER C 94 16.19 -1.61 -0.03
CA SER C 94 15.44 -2.86 -0.11
C SER C 94 15.09 -3.40 1.29
N ASN C 95 14.11 -4.29 1.36
CA ASN C 95 13.76 -5.03 2.56
C ASN C 95 14.96 -5.74 3.15
N ASP C 96 15.77 -6.34 2.28
CA ASP C 96 16.94 -7.09 2.73
C ASP C 96 17.96 -6.17 3.40
N THR C 97 18.15 -4.99 2.84
CA THR C 97 19.06 -3.97 3.42
C THR C 97 18.60 -3.51 4.80
N VAL C 98 17.31 -3.21 4.96
CA VAL C 98 16.84 -2.76 6.25
C VAL C 98 16.90 -3.92 7.27
N ALA C 99 16.66 -5.15 6.82
CA ALA C 99 16.66 -6.31 7.71
C ALA C 99 18.01 -6.70 8.21
N LEU C 100 19.03 -6.58 7.37
CA LEU C 100 20.36 -7.10 7.68
C LEU C 100 20.96 -6.65 9.04
N PRO C 101 21.04 -5.33 9.30
CA PRO C 101 21.60 -4.85 10.58
C PRO C 101 20.94 -5.47 11.83
N ILE C 102 19.63 -5.67 11.78
CA ILE C 102 18.90 -6.25 12.89
C ILE C 102 19.26 -7.73 13.05
N ARG C 103 19.37 -8.44 11.93
CA ARG C 103 19.73 -9.86 11.99
C ARG C 103 21.22 -10.05 12.43
N VAL C 104 22.06 -9.08 12.07
CA VAL C 104 23.44 -9.05 12.49
C VAL C 104 23.54 -8.89 14.03
N MET C 105 22.78 -7.95 14.59
CA MET C 105 22.64 -7.80 16.03
C MET C 105 22.26 -9.13 16.68
N LYS C 106 21.30 -9.82 16.05
CA LYS C 106 20.87 -11.10 16.56
C LYS C 106 22.08 -12.01 16.70
N LEU C 107 22.88 -12.15 15.63
CA LEU C 107 24.05 -13.05 15.71
C LEU C 107 25.19 -12.53 16.65
N LEU C 108 25.26 -11.21 16.85
CA LEU C 108 26.19 -10.62 17.82
C LEU C 108 25.82 -10.89 19.29
N GLY C 109 24.57 -11.25 19.55
CA GLY C 109 24.17 -11.58 20.90
C GLY C 109 23.09 -10.67 21.44
N VAL C 110 22.58 -9.74 20.64
CA VAL C 110 21.53 -8.83 21.15
C VAL C 110 20.25 -9.55 21.58
N LYS C 111 19.74 -9.23 22.75
CA LYS C 111 18.54 -9.86 23.29
C LYS C 111 17.44 -8.82 23.39
N ILE C 112 17.83 -7.55 23.54
CA ILE C 112 16.85 -6.50 23.69
C ILE C 112 17.19 -5.37 22.77
N LEU C 113 16.19 -4.92 22.02
CA LEU C 113 16.36 -3.79 21.11
C LEU C 113 15.57 -2.57 21.61
N MET C 114 16.26 -1.43 21.75
CA MET C 114 15.64 -0.19 22.22
C MET C 114 15.69 0.85 21.12
N VAL C 115 14.54 1.26 20.62
CA VAL C 115 14.52 2.16 19.48
C VAL C 115 13.78 3.46 19.72
N SER C 116 14.36 4.54 19.23
CA SER C 116 13.72 5.84 19.35
C SER C 116 13.44 6.36 17.95
N ASN C 117 12.48 7.27 17.83
CA ASN C 117 12.24 7.91 16.55
C ASN C 117 11.55 9.24 16.79
N ALA C 118 11.48 10.06 15.75
CA ALA C 118 10.73 11.32 15.83
C ALA C 118 9.41 11.13 15.13
N ALA C 119 8.32 11.71 15.65
CA ALA C 119 7.01 11.45 15.08
C ALA C 119 6.17 12.66 15.21
N GLY C 120 5.09 12.73 14.44
CA GLY C 120 4.11 13.75 14.63
C GLY C 120 3.06 13.25 15.58
N GLY C 121 2.53 14.15 16.41
CA GLY C 121 1.52 13.74 17.35
C GLY C 121 0.12 13.92 16.77
N LEU C 122 -0.63 12.80 16.70
CA LEU C 122 -1.99 12.85 16.15
C LEU C 122 -2.94 13.05 17.28
N ASN C 123 -2.79 12.22 18.32
CA ASN C 123 -3.59 12.33 19.54
C ASN C 123 -3.59 13.78 20.04
N ARG C 124 -4.79 14.34 20.23
CA ARG C 124 -4.94 15.76 20.54
C ARG C 124 -4.52 16.12 21.96
N SER C 125 -4.23 15.12 22.79
CA SER C 125 -3.78 15.44 24.14
C SER C 125 -2.25 15.53 24.23
N LEU C 126 -1.55 15.29 23.12
CA LEU C 126 -0.09 15.28 23.13
C LEU C 126 0.47 16.69 23.05
N LYS C 127 1.60 16.92 23.70
CA LYS C 127 2.28 18.20 23.60
C LYS C 127 3.60 18.01 22.90
N LEU C 128 4.10 19.08 22.30
CA LEU C 128 5.45 19.07 21.74
C LEU C 128 6.50 18.63 22.79
N GLY C 129 7.35 17.67 22.43
CA GLY C 129 8.40 17.23 23.35
C GLY C 129 7.97 16.05 24.24
N ASP C 130 6.74 15.58 24.12
CA ASP C 130 6.27 14.44 24.89
C ASP C 130 6.92 13.16 24.37
N PHE C 131 7.02 12.16 25.23
CA PHE C 131 7.49 10.85 24.80
C PHE C 131 6.29 9.92 24.69
N VAL C 132 6.20 9.19 23.60
CA VAL C 132 5.14 8.21 23.47
C VAL C 132 5.76 6.82 23.32
N ILE C 133 5.64 5.99 24.36
CA ILE C 133 6.12 4.63 24.27
C ILE C 133 5.17 3.87 23.33
N LEU C 134 5.70 3.09 22.39
CA LEU C 134 4.83 2.34 21.51
C LEU C 134 4.30 1.12 22.28
N LYS C 135 2.99 0.98 22.41
CA LYS C 135 2.45 -0.30 22.87
C LYS C 135 1.85 -1.13 21.72
N ASP C 136 1.74 -0.52 20.53
CA ASP C 136 1.26 -1.23 19.34
C ASP C 136 1.52 -0.42 18.06
N HIS C 137 1.33 -1.03 16.91
CA HIS C 137 1.54 -0.29 15.66
C HIS C 137 0.51 -0.64 14.58
N ILE C 138 0.41 0.25 13.59
CA ILE C 138 -0.33 0.00 12.38
C ILE C 138 0.65 0.13 11.23
N TYR C 139 0.95 -1.00 10.58
CA TYR C 139 1.96 -1.07 9.51
C TYR C 139 1.31 -0.86 8.12
N LEU C 140 1.05 0.39 7.72
CA LEU C 140 0.27 0.63 6.49
C LEU C 140 0.94 -0.02 5.26
N PRO C 141 2.24 0.22 5.12
CA PRO C 141 2.94 -0.46 4.03
C PRO C 141 2.82 -2.02 4.12
N GLY C 142 2.89 -2.56 5.32
CA GLY C 142 2.82 -4.00 5.45
C GLY C 142 1.44 -4.51 5.03
N LEU C 143 0.39 -3.75 5.34
CA LEU C 143 -0.97 -4.16 4.98
C LEU C 143 -1.12 -4.15 3.50
N GLY C 144 -0.35 -3.25 2.85
CA GLY C 144 -0.49 -3.06 1.41
C GLY C 144 0.53 -3.78 0.53
N LEU C 145 1.11 -4.86 1.02
CA LEU C 145 2.08 -5.63 0.24
C LEU C 145 3.58 -5.18 0.23
N ASN C 146 3.92 -4.22 1.09
CA ASN C 146 5.31 -3.81 1.28
C ASN C 146 5.82 -4.16 2.69
N ASN C 147 5.37 -5.30 3.22
CA ASN C 147 5.87 -5.78 4.51
C ASN C 147 7.32 -6.21 4.30
N ILE C 148 8.22 -5.84 5.20
CA ILE C 148 9.61 -6.21 5.09
C ILE C 148 9.91 -7.72 4.97
N LEU C 149 9.03 -8.55 5.51
CA LEU C 149 9.13 -10.01 5.37
C LEU C 149 8.59 -10.65 4.08
N VAL C 150 8.05 -9.86 3.16
CA VAL C 150 7.63 -10.39 1.85
C VAL C 150 8.82 -11.05 1.12
N GLY C 151 8.58 -12.22 0.53
CA GLY C 151 9.64 -13.04 -0.03
C GLY C 151 9.80 -14.36 0.70
N PRO C 152 10.70 -15.22 0.22
CA PRO C 152 11.11 -16.44 0.92
C PRO C 152 11.43 -16.16 2.40
N ASN C 153 10.87 -16.97 3.27
CA ASN C 153 11.17 -16.85 4.69
C ASN C 153 12.55 -17.38 4.97
N GLN C 154 13.37 -16.62 5.72
CA GLN C 154 14.69 -17.12 6.12
C GLN C 154 14.51 -17.91 7.41
N GLU C 155 14.39 -19.22 7.27
CA GLU C 155 14.04 -20.12 8.37
C GLU C 155 15.04 -20.06 9.52
N ALA C 156 16.30 -19.78 9.21
CA ALA C 156 17.30 -19.75 10.28
C ALA C 156 16.95 -18.63 11.27
N PHE C 157 16.17 -17.63 10.83
CA PHE C 157 15.83 -16.50 11.71
C PHE C 157 14.48 -16.60 12.39
N GLY C 158 13.44 -17.09 11.72
CA GLY C 158 12.14 -17.14 12.33
C GLY C 158 11.11 -17.81 11.42
N THR C 159 9.85 -17.70 11.83
CA THR C 159 8.79 -18.48 11.27
C THR C 159 8.17 -17.71 10.06
N ARG C 160 7.45 -18.41 9.20
CA ARG C 160 6.87 -17.86 7.99
C ARG C 160 5.82 -16.80 8.35
N PHE C 161 5.00 -17.12 9.37
CA PHE C 161 3.94 -16.21 9.78
C PHE C 161 4.10 -15.78 11.24
N PRO C 162 4.92 -14.76 11.51
CA PRO C 162 5.11 -14.30 12.89
C PRO C 162 3.86 -13.66 13.48
N ALA C 163 3.59 -13.90 14.76
CA ALA C 163 2.54 -13.17 15.44
C ALA C 163 3.15 -11.91 16.05
N LEU C 164 2.40 -10.83 16.14
CA LEU C 164 2.96 -9.60 16.70
C LEU C 164 2.31 -9.31 18.06
N SER C 165 1.98 -10.36 18.79
CA SER C 165 1.39 -10.17 20.10
C SER C 165 2.49 -9.94 21.14
N ASN C 166 2.23 -8.96 22.00
CA ASN C 166 3.26 -8.43 22.92
C ASN C 166 4.56 -8.03 22.19
N ALA C 167 4.43 -7.49 20.96
CA ALA C 167 5.57 -7.04 20.17
C ALA C 167 6.30 -5.98 20.95
N TYR C 168 5.55 -5.12 21.65
CA TYR C 168 6.17 -4.05 22.43
C TYR C 168 6.14 -4.51 23.89
N ASP C 169 7.15 -5.31 24.22
CA ASP C 169 7.20 -6.08 25.46
C ASP C 169 6.62 -5.29 26.62
N ARG C 170 5.56 -5.81 27.25
CA ARG C 170 4.83 -5.06 28.25
C ARG C 170 5.61 -4.91 29.56
N ASP C 171 6.52 -5.83 29.82
CA ASP C 171 7.37 -5.64 31.00
C ASP C 171 8.38 -4.50 30.81
N LEU C 172 8.95 -4.38 29.60
CA LEU C 172 9.87 -3.27 29.32
C LEU C 172 9.15 -1.94 29.39
N ARG C 173 7.89 -1.93 28.96
CA ARG C 173 7.07 -0.70 28.94
C ARG C 173 6.78 -0.26 30.39
N LYS C 174 6.40 -1.22 31.24
CA LYS C 174 6.16 -0.94 32.65
C LYS C 174 7.43 -0.38 33.36
N LEU C 175 8.57 -0.98 33.07
CA LEU C 175 9.83 -0.54 33.65
C LEU C 175 10.17 0.87 33.16
N ALA C 176 9.94 1.14 31.86
CA ALA C 176 10.26 2.45 31.31
C ALA C 176 9.41 3.51 32.00
N VAL C 177 8.13 3.19 32.21
CA VAL C 177 7.23 4.11 32.92
C VAL C 177 7.70 4.41 34.37
N GLN C 178 8.09 3.36 35.07
CA GLN C 178 8.46 3.44 36.45
C GLN C 178 9.74 4.30 36.59
N VAL C 179 10.66 4.18 35.63
CA VAL C 179 11.90 4.93 35.65
C VAL C 179 11.62 6.41 35.38
N ALA C 180 10.78 6.70 34.39
CA ALA C 180 10.37 8.09 34.15
C ALA C 180 9.75 8.69 35.42
N GLU C 181 8.88 7.91 36.05
CA GLU C 181 8.14 8.34 37.22
C GLU C 181 9.08 8.74 38.37
N GLU C 182 10.02 7.84 38.67
CA GLU C 182 10.95 8.02 39.77
C GLU C 182 11.91 9.17 39.53
N ASN C 183 12.09 9.55 38.26
CA ASN C 183 13.08 10.58 37.96
C ASN C 183 12.42 11.92 37.65
N GLY C 184 11.14 12.03 38.01
CA GLY C 184 10.41 13.28 37.89
C GLY C 184 9.93 13.71 36.49
N PHE C 185 9.84 12.79 35.51
CA PHE C 185 9.34 13.25 34.23
C PHE C 185 8.26 12.32 33.72
N GLY C 186 7.55 11.72 34.66
CA GLY C 186 6.39 10.89 34.32
C GLY C 186 5.34 11.62 33.48
N ASN C 187 5.27 12.93 33.65
CA ASN C 187 4.28 13.74 33.00
C ASN C 187 4.56 13.92 31.51
N LEU C 188 5.77 13.55 31.06
CA LEU C 188 6.08 13.67 29.63
C LEU C 188 5.72 12.34 28.92
N VAL C 189 5.40 11.32 29.69
CA VAL C 189 5.35 9.96 29.16
C VAL C 189 3.94 9.43 28.91
N HIS C 190 3.69 9.01 27.68
CA HIS C 190 2.40 8.42 27.31
C HIS C 190 2.71 7.09 26.66
N GLN C 191 1.67 6.32 26.38
CA GLN C 191 1.78 5.06 25.62
C GLN C 191 0.72 5.08 24.54
N GLY C 192 1.05 4.59 23.37
CA GLY C 192 0.12 4.71 22.27
C GLY C 192 0.50 3.90 21.03
N VAL C 193 -0.31 4.07 19.98
CA VAL C 193 -0.19 3.33 18.76
C VAL C 193 0.53 4.20 17.71
N TYR C 194 1.59 3.67 17.12
CA TYR C 194 2.37 4.38 16.08
C TYR C 194 1.91 3.88 14.70
N VAL C 195 1.61 4.78 13.77
CA VAL C 195 1.29 4.30 12.44
C VAL C 195 2.43 4.75 11.51
N MET C 196 2.87 3.86 10.62
CA MET C 196 3.90 4.18 9.65
C MET C 196 3.34 4.65 8.31
N ASN C 197 3.74 5.85 7.91
CA ASN C 197 3.53 6.38 6.55
C ASN C 197 4.84 6.11 5.79
N GLY C 198 4.79 5.41 4.65
CA GLY C 198 6.01 5.16 3.88
C GLY C 198 6.85 6.46 3.63
N GLY C 199 6.16 7.58 3.43
CA GLY C 199 6.86 8.85 3.22
C GLY C 199 7.40 8.94 1.82
N PRO C 200 8.15 10.01 1.54
CA PRO C 200 8.69 10.98 2.50
C PRO C 200 7.90 12.27 2.67
N CYS C 201 6.72 12.45 2.05
CA CYS C 201 5.90 13.65 2.32
C CYS C 201 5.38 13.57 3.73
N TYR C 202 5.35 14.69 4.44
CA TYR C 202 4.55 14.74 5.65
C TYR C 202 3.09 14.43 5.31
N GLU C 203 2.29 14.12 6.33
CA GLU C 203 0.89 13.81 6.09
C GLU C 203 0.09 15.08 5.82
N THR C 204 -0.86 15.04 4.87
CA THR C 204 -1.84 16.10 4.69
C THR C 204 -2.79 16.13 5.88
N PRO C 205 -3.50 17.25 6.04
CA PRO C 205 -4.54 17.32 7.09
C PRO C 205 -5.61 16.24 6.96
N ALA C 206 -6.02 15.94 5.73
CA ALA C 206 -6.99 14.87 5.49
C ALA C 206 -6.40 13.54 5.93
N GLU C 207 -5.14 13.28 5.61
CA GLU C 207 -4.50 12.03 6.02
C GLU C 207 -4.35 11.93 7.52
N CYS C 208 -3.89 13.00 8.15
CA CYS C 208 -3.86 13.05 9.64
C CYS C 208 -5.20 12.76 10.35
N THR C 209 -6.27 13.44 9.93
CA THR C 209 -7.60 13.19 10.47
C THR C 209 -7.97 11.71 10.29
N MET C 210 -7.76 11.16 9.10
CA MET C 210 -8.05 9.76 8.92
C MET C 210 -7.21 8.89 9.88
N LEU C 211 -5.92 9.15 10.01
CA LEU C 211 -5.07 8.32 10.87
C LEU C 211 -5.49 8.39 12.36
N LEU C 212 -5.88 9.58 12.79
CA LEU C 212 -6.38 9.76 14.13
C LEU C 212 -7.63 8.91 14.32
N ASN C 213 -8.56 9.00 13.37
CA ASN C 213 -9.80 8.24 13.49
C ASN C 213 -9.67 6.72 13.44
N MET C 214 -8.60 6.22 12.83
CA MET C 214 -8.30 4.80 12.83
C MET C 214 -7.73 4.33 14.17
N GLY C 215 -7.50 5.25 15.12
CA GLY C 215 -6.91 4.87 16.40
C GLY C 215 -5.39 5.09 16.60
N CYS C 216 -4.78 5.90 15.75
CA CYS C 216 -3.35 6.13 15.86
C CYS C 216 -3.05 7.34 16.75
N ASP C 217 -1.93 7.28 17.47
CA ASP C 217 -1.55 8.34 18.39
C ASP C 217 -0.38 9.16 17.81
N VAL C 218 0.57 8.49 17.15
CA VAL C 218 1.70 9.18 16.53
C VAL C 218 1.95 8.57 15.14
N VAL C 219 2.53 9.38 14.26
CA VAL C 219 2.81 8.94 12.89
C VAL C 219 4.28 9.23 12.57
N GLY C 220 4.96 8.30 11.92
CA GLY C 220 6.31 8.52 11.45
C GLY C 220 6.58 7.62 10.23
N MET C 221 7.81 7.59 9.75
CA MET C 221 8.13 6.93 8.48
C MET C 221 9.16 5.85 8.66
N SER C 222 9.31 5.39 9.90
CA SER C 222 10.32 4.40 10.22
C SER C 222 9.88 3.31 11.24
N THR C 223 10.86 2.57 11.75
CA THR C 223 10.71 1.85 13.00
C THR C 223 9.93 0.50 12.93
N ILE C 224 8.73 0.52 12.40
CA ILE C 224 8.01 -0.72 12.26
C ILE C 224 8.81 -1.81 11.49
N PRO C 225 9.49 -1.46 10.39
CA PRO C 225 10.14 -2.59 9.71
C PRO C 225 11.19 -3.28 10.60
N GLU C 226 11.94 -2.49 11.34
CA GLU C 226 12.98 -3.00 12.25
C GLU C 226 12.37 -3.85 13.37
N VAL C 227 11.20 -3.41 13.83
CA VAL C 227 10.54 -4.08 14.93
C VAL C 227 10.02 -5.45 14.49
N VAL C 228 9.47 -5.52 13.28
CA VAL C 228 9.01 -6.76 12.71
C VAL C 228 10.17 -7.75 12.56
N ILE C 229 11.30 -7.28 12.06
CA ILE C 229 12.44 -8.16 11.87
C ILE C 229 12.97 -8.68 13.20
N ALA C 230 12.92 -7.79 14.19
CA ALA C 230 13.39 -8.12 15.53
C ALA C 230 12.48 -9.17 16.19
N ARG C 231 11.17 -8.97 16.14
CA ARG C 231 10.26 -9.97 16.73
C ARG C 231 10.37 -11.25 15.94
N HIS C 232 10.56 -11.14 14.63
CA HIS C 232 10.65 -12.36 13.80
C HIS C 232 11.77 -13.28 14.39
N CYS C 233 12.90 -12.69 14.78
CA CYS C 233 14.03 -13.50 15.24
C CYS C 233 14.17 -13.55 16.77
N GLY C 234 13.09 -13.16 17.47
CA GLY C 234 12.97 -13.33 18.92
C GLY C 234 13.77 -12.30 19.79
N ILE C 235 14.07 -11.15 19.22
CA ILE C 235 14.64 -10.05 20.00
C ILE C 235 13.47 -9.30 20.65
N GLN C 236 13.57 -9.04 21.95
CA GLN C 236 12.58 -8.20 22.62
C GLN C 236 12.73 -6.73 22.25
N VAL C 237 11.60 -5.99 22.29
CA VAL C 237 11.59 -4.65 21.75
C VAL C 237 11.01 -3.64 22.70
N PHE C 238 11.70 -2.52 22.85
CA PHE C 238 11.14 -1.32 23.48
C PHE C 238 11.29 -0.14 22.46
N ALA C 239 10.23 0.62 22.23
CA ALA C 239 10.28 1.69 21.23
C ALA C 239 9.59 2.90 21.79
N VAL C 240 10.17 4.07 21.53
CA VAL C 240 9.61 5.36 21.95
C VAL C 240 9.67 6.42 20.85
N SER C 241 8.54 7.11 20.66
CA SER C 241 8.48 8.27 19.75
C SER C 241 8.68 9.56 20.53
N LEU C 242 9.49 10.49 19.98
CA LEU C 242 9.55 11.84 20.51
C LEU C 242 8.54 12.61 19.67
N VAL C 243 7.57 13.27 20.30
CA VAL C 243 6.68 14.17 19.56
C VAL C 243 7.42 15.45 19.14
N THR C 244 7.81 15.50 17.87
CA THR C 244 8.62 16.59 17.37
C THR C 244 7.76 17.58 16.59
N ASN C 245 6.50 17.23 16.37
CA ASN C 245 5.56 18.24 15.89
C ASN C 245 4.15 17.78 16.17
N ILE C 246 3.21 18.72 16.19
CA ILE C 246 1.80 18.42 16.34
C ILE C 246 1.21 18.38 14.95
N SER C 247 0.63 17.24 14.55
CA SER C 247 0.01 17.12 13.21
C SER C 247 -1.11 18.15 13.08
N VAL C 248 -1.21 18.71 11.89
CA VAL C 248 -2.24 19.70 11.58
C VAL C 248 -3.40 18.98 10.91
N LEU C 249 -4.62 19.14 11.45
CA LEU C 249 -5.77 18.39 11.00
C LEU C 249 -6.64 19.27 10.11
N ASP C 250 -6.33 20.57 10.13
CA ASP C 250 -7.16 21.61 9.54
C ASP C 250 -6.50 22.16 8.26
N VAL C 251 -7.15 22.00 7.12
CA VAL C 251 -6.55 22.43 5.85
C VAL C 251 -6.39 23.96 5.72
N GLU C 252 -7.10 24.74 6.54
CA GLU C 252 -7.01 26.21 6.47
C GLU C 252 -5.85 26.81 7.31
N SER C 253 -5.14 25.97 8.04
CA SER C 253 -3.99 26.38 8.88
C SER C 253 -2.71 26.66 8.09
N ASP C 254 -1.92 27.62 8.55
CA ASP C 254 -0.67 27.96 7.88
C ASP C 254 0.54 27.23 8.50
N LEU C 255 0.34 26.68 9.68
CA LEU C 255 1.37 25.90 10.36
C LEU C 255 1.74 24.64 9.59
N LYS C 256 3.03 24.37 9.45
CA LYS C 256 3.48 23.19 8.72
C LYS C 256 4.68 22.47 9.37
N PRO C 257 4.76 21.14 9.17
CA PRO C 257 5.94 20.40 9.61
C PRO C 257 7.15 20.74 8.74
N ASN C 258 8.32 20.65 9.35
CA ASN C 258 9.56 21.13 8.78
C ASN C 258 10.62 20.24 9.42
N HIS C 259 11.48 19.62 8.62
CA HIS C 259 12.49 18.74 9.20
C HIS C 259 13.51 19.42 10.16
N GLU C 260 13.81 20.70 9.95
CA GLU C 260 14.70 21.46 10.86
C GLU C 260 14.10 21.58 12.26
N GLU C 261 12.80 21.89 12.33
CA GLU C 261 12.11 21.93 13.62
C GLU C 261 12.07 20.56 14.32
N VAL C 262 12.02 19.48 13.51
CA VAL C 262 12.11 18.11 14.05
C VAL C 262 13.49 17.88 14.68
N LEU C 263 14.56 18.22 13.93
CA LEU C 263 15.92 18.09 14.46
C LEU C 263 16.09 18.96 15.70
N ALA C 264 15.43 20.12 15.71
CA ALA C 264 15.58 21.06 16.83
C ALA C 264 14.93 20.54 18.12
N THR C 265 13.73 19.98 17.99
CA THR C 265 13.07 19.39 19.16
C THR C 265 13.85 18.16 19.64
N GLY C 266 14.34 17.36 18.70
CA GLY C 266 15.24 16.25 18.98
C GLY C 266 16.39 16.71 19.86
N ALA C 267 17.10 17.77 19.42
CA ALA C 267 18.27 18.27 20.15
C ALA C 267 17.93 18.70 21.57
N GLN C 268 16.76 19.33 21.75
CA GLN C 268 16.32 19.75 23.08
C GLN C 268 16.01 18.63 24.10
N ARG C 269 15.53 17.50 23.62
CA ARG C 269 15.15 16.41 24.48
C ARG C 269 16.12 15.23 24.44
N ALA C 270 17.17 15.31 23.61
CA ALA C 270 18.08 14.16 23.38
C ALA C 270 18.76 13.71 24.67
N GLU C 271 19.14 14.69 25.48
CA GLU C 271 19.81 14.45 26.74
C GLU C 271 18.86 13.80 27.76
N LEU C 272 17.64 14.31 27.84
CA LEU C 272 16.69 13.70 28.76
C LEU C 272 16.43 12.26 28.29
N MET C 273 16.33 12.06 26.98
CA MET C 273 16.01 10.72 26.48
C MET C 273 17.19 9.78 26.68
N GLN C 274 18.41 10.31 26.48
CA GLN C 274 19.61 9.52 26.72
C GLN C 274 19.62 9.07 28.18
N SER C 275 19.37 10.01 29.07
CA SER C 275 19.36 9.71 30.50
C SER C 275 18.31 8.63 30.82
N TRP C 276 17.15 8.73 30.18
CA TRP C 276 16.07 7.80 30.38
C TRP C 276 16.50 6.38 29.99
N PHE C 277 17.10 6.23 28.81
CA PHE C 277 17.50 4.92 28.33
C PHE C 277 18.57 4.30 29.27
N GLU C 278 19.53 5.13 29.67
CA GLU C 278 20.58 4.67 30.57
C GLU C 278 19.98 4.18 31.88
N LYS C 279 19.00 4.89 32.40
CA LYS C 279 18.41 4.47 33.66
C LYS C 279 17.56 3.19 33.49
N ILE C 280 16.95 3.03 32.32
CA ILE C 280 16.20 1.82 32.04
C ILE C 280 17.18 0.64 32.01
N ILE C 281 18.26 0.81 31.25
CA ILE C 281 19.26 -0.24 31.07
C ILE C 281 19.84 -0.69 32.42
N GLU C 282 20.00 0.27 33.32
CA GLU C 282 20.54 -0.04 34.64
C GLU C 282 19.62 -0.99 35.42
N LYS C 283 18.32 -0.93 35.13
CA LYS C 283 17.37 -1.73 35.89
C LYS C 283 16.94 -3.01 35.14
N LEU C 284 17.49 -3.24 33.97
CA LEU C 284 17.16 -4.46 33.25
C LEU C 284 17.62 -5.65 34.06
N PRO C 285 16.77 -6.69 34.16
CA PRO C 285 17.18 -7.95 34.77
C PRO C 285 18.52 -8.40 34.20
N LYS C 286 19.38 -8.97 35.04
CA LYS C 286 20.64 -9.47 34.53
C LYS C 286 20.79 -10.95 34.89
N ASP C 287 20.83 -11.78 33.87
CA ASP C 287 20.79 -13.24 34.05
C ASP C 287 22.12 -13.88 33.69
O5' ADN D . -12.58 5.54 -15.81
C5' ADN D . -11.35 5.25 -15.15
C4' ADN D . -10.31 6.36 -15.48
O4' ADN D . -10.91 7.64 -15.14
C3' ADN D . -9.05 6.28 -14.59
O3' ADN D . -7.98 6.89 -15.27
C2' ADN D . -9.42 6.99 -13.28
O2' ADN D . -8.42 7.87 -12.85
C1' ADN D . -10.67 7.79 -13.71
N9 ADN D . -11.93 7.45 -13.03
C8 ADN D . -13.30 7.80 -13.56
N7 ADN D . -14.28 7.27 -12.56
C5 ADN D . -13.52 6.62 -11.43
C6 ADN D . -14.01 5.88 -10.15
N6 ADN D . -15.43 5.79 -9.85
N1 ADN D . -13.04 5.30 -9.25
C2 ADN D . -11.54 5.42 -9.55
N3 ADN D . -11.07 6.13 -10.80
C4 ADN D . -12.07 6.71 -11.73
S SO4 E . -7.88 10.60 -15.22
O1 SO4 E . -6.65 11.19 -15.69
O2 SO4 E . -8.93 11.62 -15.37
O3 SO4 E . -8.19 9.45 -16.03
O4 SO4 E . -7.76 10.18 -13.80
S DMS F . 11.81 11.06 -7.39
O DMS F . 13.30 11.66 -7.85
C1 DMS F . 10.69 10.83 -8.81
C2 DMS F . 12.19 9.35 -6.83
S DMS G . -1.89 -8.45 -15.39
O DMS G . -1.97 -8.82 -17.01
C1 DMS G . -1.45 -9.95 -14.44
C2 DMS G . -0.51 -7.27 -15.13
O5' ADN H . -1.83 -18.90 8.79
C5' ADN H . -1.69 -17.88 7.84
C4' ADN H . -2.13 -18.35 6.40
O4' ADN H . -3.52 -18.56 6.46
C3' ADN H . -2.02 -17.26 5.29
O3' ADN H . -2.00 -17.86 4.01
C2' ADN H . -3.26 -16.36 5.45
O2' ADN H . -3.85 -16.06 4.20
C1' ADN H . -4.19 -17.31 6.24
N9 ADN H . -4.63 -16.85 7.57
C8 ADN H . -5.14 -17.72 8.67
N7 ADN H . -5.50 -16.87 9.84
C5 ADN H . -5.17 -15.46 9.45
C6 ADN H . -5.29 -14.15 10.20
N6 ADN H . -5.79 -14.12 11.55
N1 ADN H . -4.89 -12.90 9.55
C2 ADN H . -4.36 -12.89 8.13
N3 ADN H . -4.25 -14.21 7.41
C4 ADN H . -4.66 -15.45 8.06
S SO4 I . -4.90 -19.18 2.52
O1 SO4 I . -6.05 -20.07 2.79
O2 SO4 I . -4.31 -19.49 1.21
O3 SO4 I . -5.32 -17.79 2.55
O4 SO4 I . -3.87 -19.49 3.53
O5' ADN J . 11.20 14.79 9.70
C5' ADN J . 11.01 13.61 8.94
C4' ADN J . 11.85 12.50 9.61
O4' ADN J . 11.51 12.51 11.01
C3' ADN J . 11.41 11.14 9.06
O3' ADN J . 12.47 10.20 9.19
C2' ADN J . 10.16 10.79 9.86
O2' ADN J . 10.04 9.42 10.18
C1' ADN J . 10.32 11.66 11.14
N9 ADN J . 9.14 12.49 11.44
C8 ADN J . 9.12 13.69 12.32
N7 ADN J . 7.75 14.29 12.32
C5 ADN J . 6.92 13.45 11.41
C6 ADN J . 5.43 13.57 11.00
N6 ADN J . 4.60 14.67 11.46
N1 ADN J . 4.87 12.59 10.11
C2 ADN J . 5.77 11.48 9.61
N3 ADN J . 7.23 11.33 9.99
C4 ADN J . 7.77 12.34 10.89
S SO4 K . 13.09 8.78 12.47
O1 SO4 K . 14.10 7.80 12.10
O2 SO4 K . 13.32 9.19 13.89
O3 SO4 K . 13.18 9.88 11.55
O4 SO4 K . 11.77 8.18 12.27
S DMS L . 13.16 -10.80 4.61
O DMS L . 14.02 -12.17 4.76
C1 DMS L . 14.18 -9.30 4.84
C2 DMS L . 12.49 -10.56 2.92
#